data_1VA6
#
_entry.id   1VA6
#
_cell.length_a   70.468
_cell.length_b   97.360
_cell.length_c   102.185
_cell.angle_alpha   90.00
_cell.angle_beta   109.63
_cell.angle_gamma   90.00
#
_symmetry.space_group_name_H-M   'P 1 21 1'
#
loop_
_entity.id
_entity.type
_entity.pdbx_description
1 polymer 'Glutamate--cysteine ligase'
2 non-polymer 'MAGNESIUM ION'
3 non-polymer '(2S)-2-AMINO-4-[[(2R)-2-CARBOXYBUTYL](PHOSPHONO)SULFONIMIDOYL]BUTANOIC ACID'
4 non-polymer "ADENOSINE-5'-DIPHOSPHATE"
5 non-polymer 'HEXAETHYLENE GLYCOL'
6 water water
#
_entity_poly.entity_id   1
_entity_poly.type   'polypeptide(L)'
_entity_poly.pdbx_seq_one_letter_code
;MIPDVSQALAWLEKHPQALKGIQRGLERETLRVNADGTLATTGHPEALGSALTHKWITTDFAEALLEFITPVDGDIEHML
TFMRDLHRYTARNMGDERMWPLSMPSYIAEGQDIELAQYGTSNTGRFKTLYREGLKNRYGALMQTISGVHYNFSLPMAFW
QAKSGDISGADAKEKISAGYFRVIRNYYRFGWVIPYLFGASPAISSSFLQGKPTSLPFEKTESGMYYLPYATSLRLSDLG
YTNKSQSNLGITFNDLYEYVAGLKQAIKTPSEEYAKIGIEKDGKRLQINSNVLQIENELYAPIRPKRVTRSGESPSDALL
RGGIEYIEVRSLDINPFSPIGVDEQQVRFLDLFMVWCALADAPEMSSSELACTRVNWNRVILEGRKPGLTLGIGCETAQF
PLPQVGKDLFRDLKRVAQTLDSINGGEAYQKVCDELVACFDNPDLTFSARILRSMIDTGIGGTGKAFAEAYRNLLREEPL
EILREEDFVAEREASERRQQEMEAADTEPFAVWLEKHA
;
_entity_poly.pdbx_strand_id   A,B
#
loop_
_chem_comp.id
_chem_comp.type
_chem_comp.name
_chem_comp.formula
ADP non-polymer ADENOSINE-5'-DIPHOSPHATE 'C10 H15 N5 O10 P2'
MG non-polymer 'MAGNESIUM ION' 'Mg 2'
P2S non-polymer '(2S)-2-AMINO-4-[[(2R)-2-CARBOXYBUTYL](PHOSPHONO)SULFONIMIDOYL]BUTANOIC ACID' 'C9 H19 N2 O8 P S'
P6G non-polymer 'HEXAETHYLENE GLYCOL' 'C12 H26 O7'
#
# COMPACT_ATOMS: atom_id res chain seq x y z
N MET A 1 -9.11 11.22 11.80
CA MET A 1 -8.17 12.38 11.84
C MET A 1 -8.00 12.96 10.44
N ILE A 2 -8.07 12.11 9.44
CA ILE A 2 -8.05 12.58 8.08
C ILE A 2 -9.44 13.09 7.70
N PRO A 3 -9.48 14.28 7.11
CA PRO A 3 -10.75 14.94 6.77
C PRO A 3 -11.57 14.15 5.77
N ASP A 4 -12.88 14.36 5.78
CA ASP A 4 -13.78 13.87 4.75
C ASP A 4 -13.52 14.66 3.48
N VAL A 5 -13.25 13.96 2.40
CA VAL A 5 -12.98 14.57 1.11
C VAL A 5 -13.91 14.05 0.03
N SER A 6 -15.04 13.51 0.46
CA SER A 6 -16.03 12.92 -0.44
C SER A 6 -16.48 13.89 -1.54
N GLN A 7 -16.83 15.10 -1.14
CA GLN A 7 -17.40 16.04 -2.09
C GLN A 7 -16.37 16.40 -3.19
N ALA A 8 -15.16 16.73 -2.77
CA ALA A 8 -14.11 17.11 -3.74
C ALA A 8 -13.73 15.92 -4.63
N LEU A 9 -13.73 14.72 -4.05
CA LEU A 9 -13.37 13.55 -4.81
C LEU A 9 -14.49 13.19 -5.84
N ALA A 10 -15.71 13.45 -5.44
CA ALA A 10 -16.83 13.29 -6.35
C ALA A 10 -16.72 14.26 -7.52
N TRP A 11 -16.38 15.50 -7.18
CA TRP A 11 -16.16 16.52 -8.22
C TRP A 11 -15.08 16.07 -9.20
N LEU A 12 -14.01 15.51 -8.67
CA LEU A 12 -12.90 15.08 -9.50
C LEU A 12 -13.27 13.98 -10.50
N GLU A 13 -14.04 13.01 -10.03
CA GLU A 13 -14.47 11.90 -10.89
C GLU A 13 -15.44 12.38 -11.92
N LYS A 14 -16.16 13.46 -11.62
CA LYS A 14 -17.09 14.09 -12.59
C LYS A 14 -16.35 15.04 -13.52
N HIS A 15 -15.13 15.43 -13.12
CA HIS A 15 -14.25 16.26 -13.94
C HIS A 15 -12.83 15.67 -14.06
N PRO A 16 -12.72 14.48 -14.67
CA PRO A 16 -11.45 13.75 -14.75
C PRO A 16 -10.35 14.53 -15.43
N GLN A 17 -10.74 15.27 -16.46
CA GLN A 17 -9.80 15.99 -17.27
C GLN A 17 -9.20 17.21 -16.58
N ALA A 18 -9.56 17.42 -15.32
CA ALA A 18 -8.99 18.51 -14.52
C ALA A 18 -7.58 18.23 -14.10
N LEU A 19 -7.17 16.95 -14.23
CA LEU A 19 -5.84 16.56 -13.83
C LEU A 19 -4.87 16.36 -14.97
N LYS A 20 -5.36 16.49 -16.21
CA LYS A 20 -4.51 16.35 -17.36
C LYS A 20 -3.59 17.58 -17.51
N GLY A 21 -2.30 17.36 -17.52
CA GLY A 21 -1.42 18.50 -17.70
C GLY A 21 -0.56 18.82 -16.48
N ILE A 22 -0.55 17.94 -15.48
CA ILE A 22 0.32 18.22 -14.31
C ILE A 22 1.76 18.46 -14.78
N GLN A 23 2.44 19.40 -14.15
CA GLN A 23 3.84 19.69 -14.49
C GLN A 23 4.73 19.45 -13.30
N ARG A 24 5.97 19.05 -13.57
CA ARG A 24 6.92 18.69 -12.49
C ARG A 24 8.32 19.11 -12.75
N GLY A 25 9.08 19.22 -11.67
CA GLY A 25 10.51 19.54 -11.73
C GLY A 25 11.21 18.94 -10.51
N LEU A 26 12.39 18.36 -10.72
CA LEU A 26 13.16 17.83 -9.63
C LEU A 26 14.47 18.54 -9.37
N GLU A 27 14.75 18.78 -8.10
CA GLU A 27 16.09 19.23 -7.67
C GLU A 27 16.69 18.11 -6.84
N ARG A 28 17.91 17.74 -7.15
CA ARG A 28 18.62 16.75 -6.38
C ARG A 28 20.06 17.24 -6.08
N GLU A 29 20.38 17.21 -4.81
CA GLU A 29 21.66 17.61 -4.29
C GLU A 29 22.53 16.42 -3.90
N THR A 30 23.82 16.54 -4.13
CA THR A 30 24.76 15.49 -3.79
C THR A 30 26.23 16.05 -3.67
N LEU A 31 26.94 15.53 -2.69
CA LEU A 31 28.34 15.84 -2.42
C LEU A 31 29.28 15.10 -3.32
N ARG A 32 30.28 15.84 -3.85
CA ARG A 32 31.34 15.20 -4.57
C ARG A 32 32.29 14.64 -3.49
N VAL A 33 32.66 13.38 -3.62
CA VAL A 33 33.57 12.75 -2.65
C VAL A 33 34.60 11.86 -3.34
N ASN A 34 35.76 11.72 -2.68
CA ASN A 34 36.78 10.75 -3.09
C ASN A 34 36.34 9.31 -2.77
N ALA A 35 37.03 8.35 -3.36
CA ALA A 35 36.70 6.93 -3.24
C ALA A 35 36.78 6.44 -1.80
N ASP A 36 37.54 7.17 -0.97
CA ASP A 36 37.61 6.86 0.47
C ASP A 36 36.53 7.56 1.30
N GLY A 37 35.56 8.14 0.62
CA GLY A 37 34.42 8.81 1.25
C GLY A 37 34.67 10.24 1.75
N THR A 38 35.90 10.71 1.69
CA THR A 38 36.19 12.07 2.15
C THR A 38 35.65 13.11 1.14
N LEU A 39 35.46 14.33 1.60
CA LEU A 39 35.01 15.41 0.74
C LEU A 39 35.96 15.78 -0.39
N ALA A 40 35.40 15.85 -1.59
CA ALA A 40 36.20 16.27 -2.75
C ALA A 40 36.64 17.74 -2.58
N THR A 41 37.87 18.04 -2.97
CA THR A 41 38.42 19.40 -2.76
C THR A 41 38.60 20.17 -4.07
N THR A 42 38.53 19.46 -5.17
CA THR A 42 38.59 20.07 -6.48
C THR A 42 37.43 21.08 -6.66
N GLY A 43 37.57 21.94 -7.65
CA GLY A 43 36.55 22.93 -7.93
C GLY A 43 35.42 22.31 -8.75
N HIS A 44 34.39 23.10 -8.95
CA HIS A 44 33.24 22.68 -9.73
C HIS A 44 33.70 22.23 -11.13
N PRO A 45 33.42 20.98 -11.46
CA PRO A 45 33.95 20.39 -12.71
C PRO A 45 33.82 21.32 -13.92
N GLU A 46 34.90 21.47 -14.65
CA GLU A 46 34.97 22.39 -15.79
C GLU A 46 33.98 22.06 -16.91
N ALA A 47 33.69 20.78 -17.09
CA ALA A 47 32.70 20.34 -18.08
C ALA A 47 31.28 20.84 -17.76
N LEU A 48 31.05 21.25 -16.52
CA LEU A 48 29.75 21.78 -16.08
C LEU A 48 29.65 23.28 -16.27
N GLY A 49 30.75 23.91 -16.61
CA GLY A 49 30.73 25.33 -16.91
C GLY A 49 30.45 26.19 -15.71
N SER A 50 29.72 27.27 -15.96
CA SER A 50 29.32 28.19 -14.91
C SER A 50 28.08 27.73 -14.12
N ALA A 51 28.24 27.65 -12.80
CA ALA A 51 27.19 27.21 -11.89
C ALA A 51 26.21 28.34 -11.70
N LEU A 52 26.72 29.55 -11.90
CA LEU A 52 25.91 30.74 -11.77
C LEU A 52 24.72 30.79 -12.72
N THR A 53 24.89 30.24 -13.90
CA THR A 53 23.94 30.48 -15.00
C THR A 53 23.53 29.21 -15.73
N HIS A 54 24.15 28.10 -15.39
CA HIS A 54 23.87 26.84 -16.04
C HIS A 54 22.36 26.51 -15.82
N LYS A 55 21.72 26.04 -16.87
CA LYS A 55 20.27 25.66 -16.81
C LYS A 55 19.96 24.43 -15.97
N TRP A 56 20.80 23.41 -16.10
CA TRP A 56 20.48 22.05 -15.59
C TRP A 56 21.28 21.61 -14.36
N ILE A 57 22.53 22.05 -14.27
CA ILE A 57 23.42 21.64 -13.24
C ILE A 57 24.16 22.86 -12.65
N THR A 58 24.27 22.85 -11.33
CA THR A 58 24.81 23.97 -10.62
C THR A 58 25.28 23.52 -9.25
N THR A 59 25.49 24.45 -8.34
CA THR A 59 25.97 24.17 -7.01
C THR A 59 25.04 24.75 -5.99
N ASP A 60 24.98 24.11 -4.82
CA ASP A 60 24.19 24.61 -3.72
C ASP A 60 25.07 25.40 -2.74
N PHE A 61 25.13 24.98 -1.50
CA PHE A 61 25.86 25.77 -0.48
C PHE A 61 27.37 25.77 -0.72
N ALA A 62 27.91 24.58 -0.93
CA ALA A 62 29.34 24.36 -1.13
C ALA A 62 29.68 24.09 -2.57
N GLU A 63 30.96 24.28 -2.88
CA GLU A 63 31.47 24.14 -4.22
C GLU A 63 31.52 22.67 -4.59
N ALA A 64 31.66 21.82 -3.59
CA ALA A 64 31.53 20.37 -3.78
C ALA A 64 30.09 19.81 -3.69
N LEU A 65 29.13 20.67 -3.37
CA LEU A 65 27.72 20.27 -3.27
C LEU A 65 26.97 20.47 -4.62
N LEU A 66 27.04 19.49 -5.50
CA LEU A 66 26.34 19.55 -6.76
C LEU A 66 24.80 19.67 -6.56
N GLU A 67 24.14 20.26 -7.55
CA GLU A 67 22.68 20.23 -7.60
C GLU A 67 22.25 20.01 -9.05
N PHE A 68 21.44 18.99 -9.26
CA PHE A 68 20.89 18.67 -10.59
C PHE A 68 19.44 19.18 -10.64
N ILE A 69 19.08 19.87 -11.71
CA ILE A 69 17.76 20.43 -11.85
C ILE A 69 17.16 20.10 -13.17
N THR A 70 16.00 19.39 -13.17
CA THR A 70 15.34 19.10 -14.42
C THR A 70 14.49 20.29 -14.81
N PRO A 71 14.46 20.61 -16.09
CA PRO A 71 13.55 21.65 -16.60
C PRO A 71 12.09 21.16 -16.57
N VAL A 72 11.16 22.07 -16.27
CA VAL A 72 9.79 21.70 -16.00
C VAL A 72 9.23 20.84 -17.15
N ASP A 73 8.53 19.78 -16.77
CA ASP A 73 8.08 18.80 -17.73
C ASP A 73 6.84 18.06 -17.19
N GLY A 74 6.08 17.48 -18.11
CA GLY A 74 4.87 16.81 -17.74
C GLY A 74 4.92 15.30 -17.95
N ASP A 75 6.07 14.80 -18.37
CA ASP A 75 6.28 13.35 -18.51
C ASP A 75 7.24 12.86 -17.42
N ILE A 76 6.76 11.92 -16.57
CA ILE A 76 7.54 11.43 -15.46
C ILE A 76 8.79 10.71 -15.90
N GLU A 77 8.63 9.76 -16.79
CA GLU A 77 9.76 8.95 -17.25
C GLU A 77 10.82 9.85 -17.95
N HIS A 78 10.34 10.75 -18.80
CA HIS A 78 11.22 11.68 -19.49
C HIS A 78 12.01 12.46 -18.46
N MET A 79 11.31 13.03 -17.48
CA MET A 79 11.98 13.83 -16.45
C MET A 79 13.06 13.03 -15.68
N LEU A 80 12.71 11.80 -15.28
CA LEU A 80 13.66 10.97 -14.52
C LEU A 80 14.82 10.53 -15.37
N THR A 81 14.54 10.28 -16.64
CA THR A 81 15.59 9.94 -17.61
C THR A 81 16.52 11.12 -17.86
N PHE A 82 15.93 12.32 -17.99
CA PHE A 82 16.72 13.57 -18.10
C PHE A 82 17.62 13.74 -16.90
N MET A 83 17.09 13.47 -15.71
CA MET A 83 17.87 13.58 -14.48
C MET A 83 19.06 12.60 -14.50
N ARG A 84 18.81 11.39 -14.99
CA ARG A 84 19.87 10.37 -15.08
C ARG A 84 20.95 10.76 -16.06
N ASP A 85 20.55 11.37 -17.18
CA ASP A 85 21.54 11.87 -18.14
C ASP A 85 22.50 12.85 -17.46
N LEU A 86 21.96 13.75 -16.65
CA LEU A 86 22.80 14.76 -15.95
C LEU A 86 23.76 14.04 -15.04
N HIS A 87 23.30 12.97 -14.40
CA HIS A 87 24.20 12.21 -13.53
C HIS A 87 25.28 11.47 -14.35
N ARG A 88 24.82 10.77 -15.39
CA ARG A 88 25.70 10.00 -16.24
C ARG A 88 26.90 10.84 -16.73
N TYR A 89 26.61 12.07 -17.15
CA TYR A 89 27.59 12.89 -17.80
C TYR A 89 28.57 13.41 -16.77
N THR A 90 28.05 13.74 -15.59
CA THR A 90 28.87 14.34 -14.55
C THR A 90 29.80 13.27 -13.99
N ALA A 91 29.26 12.05 -13.90
CA ALA A 91 30.03 10.90 -13.38
C ALA A 91 31.20 10.50 -14.31
N ARG A 92 31.14 10.91 -15.59
CA ARG A 92 32.19 10.62 -16.58
C ARG A 92 33.13 11.82 -16.74
N ASN A 93 32.87 12.87 -15.97
CA ASN A 93 33.68 14.12 -16.06
C ASN A 93 34.07 14.72 -14.70
N MET A 94 34.28 13.88 -13.70
CA MET A 94 34.78 14.35 -12.38
C MET A 94 35.91 13.44 -11.93
N GLY A 95 36.64 12.93 -12.91
CA GLY A 95 37.75 12.05 -12.69
C GLY A 95 37.36 10.79 -11.89
N ASP A 96 37.93 10.66 -10.70
CA ASP A 96 37.77 9.46 -9.90
C ASP A 96 36.89 9.77 -8.68
N GLU A 97 36.34 10.99 -8.65
CA GLU A 97 35.42 11.38 -7.61
C GLU A 97 34.05 10.66 -7.81
N ARG A 98 33.21 10.68 -6.79
CA ARG A 98 31.92 10.07 -6.98
C ARG A 98 30.91 10.79 -6.14
N MET A 99 29.64 10.46 -6.31
CA MET A 99 28.63 11.15 -5.54
C MET A 99 28.26 10.44 -4.25
N TRP A 100 27.92 11.25 -3.27
CA TRP A 100 27.48 10.76 -2.00
C TRP A 100 26.01 10.34 -2.16
N PRO A 101 25.68 9.11 -1.74
CA PRO A 101 24.34 8.51 -1.95
C PRO A 101 23.28 8.85 -0.88
N LEU A 102 23.65 9.61 0.14
CA LEU A 102 22.76 9.84 1.28
C LEU A 102 22.56 11.31 1.53
N SER A 103 21.52 11.61 2.28
CA SER A 103 21.25 12.97 2.74
C SER A 103 22.33 13.46 3.72
N MET A 104 22.66 12.66 4.73
CA MET A 104 23.65 13.05 5.75
C MET A 104 25.09 12.84 5.37
N PRO A 105 25.96 13.84 5.65
CA PRO A 105 27.42 13.56 5.52
C PRO A 105 27.90 12.42 6.43
N SER A 106 28.85 11.56 6.05
CA SER A 106 29.29 10.49 6.99
C SER A 106 30.71 10.81 7.45
N TYR A 107 31.49 11.38 6.53
CA TYR A 107 32.89 11.71 6.84
C TYR A 107 33.24 13.18 6.69
N ILE A 108 32.43 14.05 7.27
CA ILE A 108 32.68 15.47 7.29
C ILE A 108 32.62 15.99 8.69
N ALA A 109 33.76 16.52 9.19
CA ALA A 109 33.81 16.96 10.59
C ALA A 109 33.13 18.30 10.75
N GLU A 110 32.65 18.63 11.95
CA GLU A 110 32.12 19.98 12.20
C GLU A 110 33.29 20.92 12.14
N GLY A 111 33.04 22.12 11.62
CA GLY A 111 34.10 23.11 11.44
C GLY A 111 35.08 22.82 10.30
N GLN A 112 34.91 21.67 9.65
CA GLN A 112 35.75 21.29 8.51
C GLN A 112 35.81 22.47 7.56
N ASP A 113 37.01 22.85 7.18
CA ASP A 113 37.17 23.95 6.25
C ASP A 113 36.56 23.47 4.92
N ILE A 114 35.42 24.01 4.55
CA ILE A 114 34.72 23.55 3.35
C ILE A 114 34.54 24.70 2.41
N GLU A 115 35.06 24.56 1.18
CA GLU A 115 34.98 25.64 0.22
C GLU A 115 33.54 26.00 -0.12
N LEU A 116 33.20 27.26 0.12
CA LEU A 116 31.91 27.80 -0.31
C LEU A 116 31.72 27.73 -1.83
N ALA A 117 30.45 27.76 -2.27
CA ALA A 117 30.20 27.77 -3.67
C ALA A 117 30.76 29.04 -4.28
N GLN A 118 31.50 28.89 -5.36
CA GLN A 118 32.07 30.03 -6.06
C GLN A 118 31.31 30.35 -7.33
N TYR A 119 31.01 31.65 -7.51
CA TYR A 119 30.26 32.13 -8.67
C TYR A 119 30.92 33.30 -9.42
N GLY A 120 32.26 33.30 -9.48
CA GLY A 120 33.05 34.35 -10.12
C GLY A 120 32.94 35.76 -9.55
N THR A 121 33.42 36.75 -10.31
CA THR A 121 33.56 38.14 -9.83
C THR A 121 32.41 39.13 -10.09
N SER A 122 31.38 38.71 -10.80
CA SER A 122 30.17 39.51 -10.96
C SER A 122 29.61 39.91 -9.59
N ASN A 123 28.82 40.98 -9.58
CA ASN A 123 28.20 41.41 -8.33
C ASN A 123 27.18 40.39 -7.78
N THR A 124 26.46 39.76 -8.69
CA THR A 124 25.51 38.71 -8.32
C THR A 124 26.24 37.48 -7.81
N GLY A 125 27.30 37.12 -8.53
CA GLY A 125 28.14 35.99 -8.16
C GLY A 125 28.74 36.08 -6.78
N ARG A 126 29.21 37.28 -6.47
CA ARG A 126 29.85 37.55 -5.17
C ARG A 126 28.81 37.65 -4.07
N PHE A 127 27.70 38.27 -4.36
CA PHE A 127 26.52 38.28 -3.49
C PHE A 127 26.07 36.84 -3.06
N LYS A 128 26.16 35.89 -3.97
CA LYS A 128 25.62 34.53 -3.71
C LYS A 128 26.62 33.79 -2.85
N THR A 129 27.90 33.97 -3.19
CA THR A 129 29.00 33.38 -2.48
C THR A 129 29.06 33.92 -1.04
N LEU A 130 28.65 35.17 -0.90
CA LEU A 130 28.62 35.86 0.40
C LEU A 130 27.46 35.39 1.26
N TYR A 131 26.29 35.27 0.65
CA TYR A 131 25.10 34.61 1.28
C TYR A 131 25.54 33.34 1.94
N ARG A 132 26.28 32.53 1.21
CA ARG A 132 26.83 31.25 1.70
C ARG A 132 27.88 31.39 2.83
N GLU A 133 28.76 32.39 2.73
CA GLU A 133 29.68 32.72 3.83
C GLU A 133 28.86 33.00 5.08
N GLY A 134 27.79 33.77 4.91
CA GLY A 134 26.85 34.04 5.99
C GLY A 134 26.16 32.76 6.53
N LEU A 135 25.81 31.85 5.63
CA LEU A 135 25.14 30.65 6.12
C LEU A 135 26.11 29.84 6.99
N LYS A 136 27.36 29.82 6.56
CA LYS A 136 28.41 29.05 7.22
C LYS A 136 28.60 29.54 8.64
N ASN A 137 28.60 30.85 8.80
CA ASN A 137 28.88 31.50 10.10
C ASN A 137 27.68 31.35 11.00
N ARG A 138 26.51 31.23 10.40
CA ARG A 138 25.26 31.13 11.15
C ARG A 138 24.90 29.72 11.60
N TYR A 139 24.89 28.79 10.65
CA TYR A 139 24.39 27.43 10.87
C TYR A 139 25.54 26.44 10.91
N GLY A 140 26.71 26.88 10.41
CA GLY A 140 27.85 25.99 10.22
C GLY A 140 27.85 25.28 8.87
N ALA A 141 29.05 25.10 8.34
CA ALA A 141 29.24 24.43 7.07
C ALA A 141 28.69 22.97 7.04
N LEU A 142 28.81 22.27 8.16
CA LEU A 142 28.48 20.88 8.21
C LEU A 142 27.00 20.65 7.81
N MET A 143 26.13 21.38 8.51
CA MET A 143 24.72 21.30 8.30
C MET A 143 24.34 21.63 6.85
N GLN A 144 25.07 22.58 6.28
CA GLN A 144 24.73 23.09 4.94
C GLN A 144 25.24 22.14 3.88
N THR A 145 25.98 21.11 4.31
CA THR A 145 26.34 20.00 3.43
C THR A 145 25.26 18.89 3.43
N ILE A 146 24.23 19.05 4.24
CA ILE A 146 23.10 18.06 4.24
C ILE A 146 22.37 18.19 2.90
N SER A 147 22.20 17.06 2.21
CA SER A 147 21.63 17.02 0.88
C SER A 147 20.19 16.46 0.87
N GLY A 148 19.39 16.97 -0.05
CA GLY A 148 17.98 16.63 -0.14
C GLY A 148 17.46 16.65 -1.58
N VAL A 149 16.27 16.15 -1.75
CA VAL A 149 15.58 16.22 -3.02
C VAL A 149 14.37 17.11 -2.88
N HIS A 150 14.21 18.03 -3.83
CA HIS A 150 13.04 18.90 -3.83
C HIS A 150 12.09 18.51 -5.01
N TYR A 151 10.82 18.35 -4.68
CA TYR A 151 9.79 17.97 -5.67
C TYR A 151 8.94 19.17 -6.00
N ASN A 152 8.96 19.56 -7.28
CA ASN A 152 8.29 20.80 -7.73
C ASN A 152 7.07 20.43 -8.55
N PHE A 153 5.92 20.97 -8.15
CA PHE A 153 4.63 20.54 -8.69
C PHE A 153 3.64 21.69 -8.97
N SER A 154 2.98 21.61 -10.12
CA SER A 154 1.93 22.54 -10.47
C SER A 154 0.76 21.80 -11.12
N LEU A 155 -0.46 22.17 -10.70
CA LEU A 155 -1.69 21.69 -11.31
C LEU A 155 -1.90 22.43 -12.64
N PRO A 156 -2.62 21.78 -13.57
CA PRO A 156 -2.94 22.42 -14.85
C PRO A 156 -3.96 23.57 -14.69
N MET A 157 -3.94 24.53 -15.61
CA MET A 157 -4.94 25.61 -15.60
C MET A 157 -6.34 25.02 -15.70
N ALA A 158 -6.44 23.86 -16.32
CA ALA A 158 -7.73 23.22 -16.52
C ALA A 158 -8.33 22.77 -15.18
N PHE A 159 -7.48 22.54 -14.18
CA PHE A 159 -7.95 22.25 -12.84
C PHE A 159 -8.73 23.42 -12.27
N TRP A 160 -8.10 24.60 -12.29
CA TRP A 160 -8.71 25.81 -11.78
C TRP A 160 -9.97 26.22 -12.56
N GLN A 161 -9.92 26.01 -13.87
CA GLN A 161 -11.02 26.35 -14.77
C GLN A 161 -12.24 25.50 -14.48
N ALA A 162 -12.01 24.23 -14.14
CA ALA A 162 -13.14 23.30 -13.86
C ALA A 162 -13.72 23.58 -12.48
N LYS A 163 -12.92 24.16 -11.61
CA LYS A 163 -13.34 24.52 -10.26
C LYS A 163 -14.17 25.80 -10.23
N SER A 164 -13.80 26.77 -11.08
CA SER A 164 -14.35 28.12 -10.96
C SER A 164 -15.15 28.61 -12.16
N GLY A 165 -15.03 27.95 -13.29
CA GLY A 165 -15.67 28.44 -14.51
C GLY A 165 -14.99 29.66 -15.11
N ASP A 166 -15.73 30.37 -15.95
CA ASP A 166 -15.23 31.57 -16.62
C ASP A 166 -15.15 32.73 -15.63
N ILE A 167 -13.96 33.29 -15.47
CA ILE A 167 -13.79 34.46 -14.58
C ILE A 167 -12.65 35.36 -15.04
N SER A 168 -12.58 36.54 -14.42
CA SER A 168 -11.53 37.51 -14.72
C SER A 168 -10.18 36.92 -14.35
N GLY A 169 -9.13 37.40 -15.00
CA GLY A 169 -7.78 36.91 -14.78
C GLY A 169 -7.18 37.40 -13.48
N ALA A 170 -7.75 38.49 -12.94
CA ALA A 170 -7.41 38.96 -11.61
C ALA A 170 -7.98 37.97 -10.56
N ASP A 171 -9.24 37.63 -10.73
CA ASP A 171 -9.93 36.68 -9.84
C ASP A 171 -9.33 35.27 -9.91
N ALA A 172 -8.92 34.88 -11.10
CA ALA A 172 -8.50 33.49 -11.32
C ALA A 172 -7.10 33.34 -10.78
N LYS A 173 -6.26 34.36 -10.92
CA LYS A 173 -4.90 34.28 -10.39
C LYS A 173 -4.91 34.29 -8.85
N GLU A 174 -5.98 34.84 -8.30
CA GLU A 174 -6.15 34.86 -6.86
C GLU A 174 -6.59 33.50 -6.36
N LYS A 175 -7.58 32.94 -7.04
CA LYS A 175 -8.05 31.59 -6.77
C LYS A 175 -6.92 30.58 -6.75
N ILE A 176 -6.01 30.71 -7.70
CA ILE A 176 -4.84 29.84 -7.83
C ILE A 176 -3.97 29.95 -6.60
N SER A 177 -3.66 31.20 -6.19
CA SER A 177 -2.86 31.43 -4.99
C SER A 177 -3.53 30.79 -3.79
N ALA A 178 -4.83 31.04 -3.63
CA ALA A 178 -5.58 30.47 -2.52
C ALA A 178 -5.57 28.97 -2.56
N GLY A 179 -5.66 28.43 -3.77
CA GLY A 179 -5.58 26.99 -3.97
C GLY A 179 -4.27 26.41 -3.45
N TYR A 180 -3.17 27.06 -3.78
CA TYR A 180 -1.87 26.58 -3.37
C TYR A 180 -1.56 26.72 -1.87
N PHE A 181 -2.11 27.74 -1.23
CA PHE A 181 -1.91 27.90 0.18
C PHE A 181 -2.69 26.86 0.94
N ARG A 182 -3.88 26.56 0.43
CA ARG A 182 -4.70 25.42 0.91
C ARG A 182 -3.89 24.11 0.84
N VAL A 183 -3.19 23.92 -0.26
CA VAL A 183 -2.31 22.79 -0.44
C VAL A 183 -1.24 22.79 0.63
N ILE A 184 -0.62 23.94 0.82
CA ILE A 184 0.48 24.10 1.78
C ILE A 184 0.05 23.79 3.20
N ARG A 185 -1.14 24.26 3.55
CA ARG A 185 -1.70 24.06 4.88
C ARG A 185 -1.99 22.58 5.14
N ASN A 186 -2.52 21.90 4.14
CA ASN A 186 -2.74 20.45 4.21
C ASN A 186 -1.43 19.69 4.30
N TYR A 187 -0.42 20.18 3.59
CA TYR A 187 0.90 19.58 3.62
C TYR A 187 1.51 19.65 5.04
N TYR A 188 1.31 20.78 5.71
CA TYR A 188 1.83 20.97 7.08
C TYR A 188 1.10 20.00 8.01
N ARG A 189 -0.18 19.85 7.79
CA ARG A 189 -1.01 18.97 8.60
C ARG A 189 -0.65 17.47 8.43
N PHE A 190 -0.56 17.04 7.20
CA PHE A 190 -0.47 15.59 6.87
C PHE A 190 0.75 15.15 6.12
N GLY A 191 1.69 16.08 5.92
CA GLY A 191 2.88 15.79 5.16
C GLY A 191 3.92 14.88 5.78
N TRP A 192 3.74 14.56 7.07
CA TRP A 192 4.63 13.64 7.78
C TRP A 192 4.59 12.22 7.14
N VAL A 193 3.60 11.94 6.32
CA VAL A 193 3.55 10.67 5.56
C VAL A 193 4.77 10.51 4.68
N ILE A 194 5.34 11.64 4.25
CA ILE A 194 6.51 11.63 3.36
C ILE A 194 7.78 11.08 4.05
N PRO A 195 8.23 11.71 5.13
CA PRO A 195 9.27 11.13 5.96
C PRO A 195 9.03 9.68 6.34
N TYR A 196 7.81 9.34 6.65
CA TYR A 196 7.53 8.00 7.13
C TYR A 196 7.80 6.95 6.06
N LEU A 197 7.37 7.24 4.82
CA LEU A 197 7.55 6.29 3.71
C LEU A 197 8.97 6.34 3.14
N PHE A 198 9.50 7.55 2.99
CA PHE A 198 10.70 7.78 2.17
C PHE A 198 11.88 8.39 2.95
N GLY A 199 11.68 8.65 4.23
CA GLY A 199 12.75 9.13 5.06
C GLY A 199 13.89 8.14 5.02
N ALA A 200 15.10 8.66 4.89
CA ALA A 200 16.28 7.83 4.70
C ALA A 200 17.53 8.37 5.48
N SER A 201 17.29 8.91 6.66
CA SER A 201 18.36 9.37 7.53
C SER A 201 18.07 9.05 9.01
N PRO A 202 17.86 7.76 9.32
CA PRO A 202 17.71 7.30 10.69
C PRO A 202 19.05 7.31 11.47
N ALA A 203 20.16 7.38 10.74
CA ALA A 203 21.50 7.42 11.35
C ALA A 203 22.27 8.68 11.01
N ILE A 204 23.28 8.98 11.84
CA ILE A 204 24.21 10.12 11.66
C ILE A 204 25.58 9.85 12.30
N SER A 205 26.58 10.60 11.83
CA SER A 205 27.93 10.47 12.35
C SER A 205 28.09 11.26 13.62
N SER A 206 29.26 11.12 14.21
CA SER A 206 29.59 11.81 15.46
C SER A 206 29.52 13.32 15.37
N SER A 207 29.94 13.82 14.23
CA SER A 207 29.99 15.26 13.96
C SER A 207 28.69 15.98 14.30
N PHE A 208 27.58 15.32 13.99
CA PHE A 208 26.28 15.91 14.29
C PHE A 208 26.01 15.89 15.79
N LEU A 209 26.96 15.31 16.53
CA LEU A 209 26.92 15.22 18.01
C LEU A 209 28.25 15.65 18.63
N THR A 214 21.98 15.99 23.49
CA THR A 214 20.58 15.60 23.54
C THR A 214 20.37 14.46 24.51
N SER A 215 19.13 14.33 24.94
CA SER A 215 18.67 13.23 25.79
C SER A 215 18.01 12.11 24.97
N LEU A 216 18.20 12.12 23.66
CA LEU A 216 17.65 11.07 22.79
C LEU A 216 18.49 9.77 22.90
N PRO A 217 17.82 8.63 22.92
CA PRO A 217 18.49 7.34 23.16
C PRO A 217 19.23 6.75 21.96
N PHE A 218 20.26 7.43 21.48
CA PHE A 218 21.01 6.91 20.35
C PHE A 218 21.69 5.60 20.68
N GLU A 219 21.81 4.75 19.66
CA GLU A 219 22.61 3.54 19.70
C GLU A 219 23.71 3.61 18.62
N LYS A 220 24.58 2.60 18.59
CA LYS A 220 25.72 2.60 17.69
C LYS A 220 25.78 1.43 16.77
N THR A 221 26.43 1.61 15.63
CA THR A 221 26.76 0.47 14.81
C THR A 221 28.28 0.35 14.72
N GLU A 222 28.73 -0.83 14.30
CA GLU A 222 30.17 -1.16 14.19
C GLU A 222 30.95 -0.24 13.26
N SER A 223 30.24 0.38 12.33
CA SER A 223 30.88 1.26 11.38
C SER A 223 31.13 2.65 12.01
N GLY A 224 30.66 2.84 13.24
CA GLY A 224 30.81 4.12 13.91
C GLY A 224 29.62 5.07 13.81
N MET A 225 28.54 4.66 13.16
CA MET A 225 27.34 5.53 13.04
C MET A 225 26.46 5.40 14.28
N TYR A 226 25.82 6.53 14.62
CA TYR A 226 24.84 6.68 15.70
C TYR A 226 23.44 6.67 15.09
N TYR A 227 22.50 5.96 15.71
CA TYR A 227 21.16 5.89 15.15
C TYR A 227 20.08 5.74 16.21
N LEU A 228 18.85 6.09 15.83
CA LEU A 228 17.68 5.87 16.66
C LEU A 228 16.89 4.75 15.99
N PRO A 229 16.44 3.80 16.80
CA PRO A 229 15.98 2.54 16.27
C PRO A 229 14.69 2.69 15.43
N TYR A 230 13.90 3.72 15.71
CA TYR A 230 12.62 3.90 15.05
C TYR A 230 12.51 5.19 14.20
N ALA A 231 13.58 5.90 14.07
CA ALA A 231 13.60 7.19 13.32
C ALA A 231 13.50 6.99 11.82
N THR A 232 13.06 8.04 11.15
CA THR A 232 12.92 8.03 9.69
C THR A 232 13.85 9.04 9.04
N SER A 233 13.73 10.29 9.44
CA SER A 233 14.47 11.40 8.81
C SER A 233 15.06 12.40 9.79
N LEU A 234 16.28 12.15 10.23
CA LEU A 234 16.96 13.10 11.13
C LEU A 234 17.42 14.34 10.39
N ARG A 235 17.43 14.26 9.07
CA ARG A 235 17.67 15.45 8.23
C ARG A 235 16.68 16.56 8.54
N LEU A 236 15.48 16.13 8.88
CA LEU A 236 14.38 17.02 9.23
C LEU A 236 14.26 17.35 10.73
N SER A 237 15.11 16.74 11.55
CA SER A 237 15.08 16.96 12.99
C SER A 237 15.98 18.17 13.36
N ASP A 238 15.90 18.56 14.64
CA ASP A 238 16.73 19.68 15.18
C ASP A 238 18.24 19.49 14.95
N LEU A 239 18.64 18.25 14.77
CA LEU A 239 20.02 17.86 14.58
C LEU A 239 20.43 17.98 13.12
N GLY A 240 19.44 18.03 12.24
CA GLY A 240 19.71 18.06 10.83
C GLY A 240 19.67 19.47 10.21
N TYR A 241 18.93 19.60 9.11
CA TYR A 241 18.80 20.86 8.41
C TYR A 241 17.72 21.68 9.09
N THR A 242 18.12 22.38 10.17
CA THR A 242 17.20 22.99 11.13
C THR A 242 16.68 24.34 10.71
N ASN A 243 15.48 24.61 11.17
CA ASN A 243 14.81 25.91 10.97
C ASN A 243 14.34 26.47 12.33
N LYS A 244 14.91 25.93 13.40
CA LYS A 244 14.55 26.34 14.78
C LYS A 244 14.87 27.83 14.96
N SER A 245 16.08 28.18 14.55
CA SER A 245 16.52 29.59 14.57
C SER A 245 15.41 30.48 13.95
N GLN A 246 14.45 29.87 13.24
CA GLN A 246 13.47 30.64 12.45
C GLN A 246 12.02 30.53 12.92
N SER A 247 11.81 29.73 13.96
CA SER A 247 10.45 29.36 14.38
C SER A 247 9.67 30.53 14.98
N ASN A 248 10.36 31.61 15.28
CA ASN A 248 9.71 32.80 15.84
C ASN A 248 9.14 33.78 14.80
N LEU A 249 9.36 33.53 13.52
CA LEU A 249 8.98 34.47 12.46
C LEU A 249 7.49 34.75 12.21
N GLY A 250 6.58 33.98 12.79
CA GLY A 250 5.15 34.23 12.60
C GLY A 250 4.65 34.25 11.14
N ILE A 251 5.36 33.56 10.26
CA ILE A 251 4.96 33.47 8.85
C ILE A 251 3.78 32.50 8.78
N THR A 252 2.75 32.91 8.04
CA THR A 252 1.59 32.06 7.81
C THR A 252 1.28 31.82 6.33
N PHE A 253 0.43 30.83 6.07
CA PHE A 253 0.09 30.38 4.70
C PHE A 253 -1.40 30.44 4.46
N ASN A 254 -1.98 31.58 4.73
CA ASN A 254 -3.40 31.78 4.56
C ASN A 254 -3.77 32.70 3.41
N ASP A 255 -2.85 33.63 3.13
CA ASP A 255 -3.12 34.68 2.16
C ASP A 255 -1.83 35.23 1.52
N LEU A 256 -1.88 35.61 0.25
CA LEU A 256 -0.71 35.97 -0.50
C LEU A 256 0.02 37.24 0.09
N TYR A 257 -0.74 38.26 0.34
CA TYR A 257 -0.13 39.56 0.83
C TYR A 257 0.46 39.38 2.21
N GLU A 258 -0.27 38.66 3.06
CA GLU A 258 0.19 38.24 4.38
C GLU A 258 1.45 37.42 4.34
N TYR A 259 1.47 36.34 3.52
CA TYR A 259 2.67 35.53 3.37
C TYR A 259 3.89 36.44 3.06
N VAL A 260 3.77 37.21 2.00
CA VAL A 260 4.87 38.06 1.55
C VAL A 260 5.28 39.14 2.58
N ALA A 261 4.29 39.71 3.27
CA ALA A 261 4.59 40.76 4.28
C ALA A 261 5.38 40.15 5.40
N GLY A 262 4.99 38.93 5.83
CA GLY A 262 5.68 38.25 6.91
C GLY A 262 7.11 37.89 6.53
N LEU A 263 7.27 37.57 5.28
CA LEU A 263 8.54 37.14 4.74
C LEU A 263 9.45 38.39 4.50
N LYS A 264 8.85 39.47 4.07
CA LYS A 264 9.61 40.72 3.93
C LYS A 264 9.95 41.27 5.31
N GLN A 265 8.99 41.20 6.22
CA GLN A 265 9.21 41.61 7.60
C GLN A 265 10.25 40.75 8.28
N ALA A 266 10.49 39.55 7.77
CA ALA A 266 11.47 38.65 8.39
C ALA A 266 12.91 38.99 7.97
N ILE A 267 13.05 39.52 6.78
CA ILE A 267 14.35 39.99 6.26
C ILE A 267 14.81 41.31 6.97
N LYS A 268 13.83 42.01 7.56
CA LYS A 268 14.07 43.28 8.27
C LYS A 268 14.13 43.06 9.82
N THR A 269 14.02 41.80 10.27
CA THR A 269 13.87 41.47 11.70
C THR A 269 15.22 41.17 12.31
N PRO A 270 15.66 41.98 13.28
CA PRO A 270 17.01 41.81 13.80
C PRO A 270 17.08 40.57 14.69
N SER A 271 18.18 39.84 14.58
CA SER A 271 18.52 38.74 15.45
C SER A 271 19.73 39.08 16.38
N GLU A 272 19.61 38.78 17.67
CA GLU A 272 20.63 39.10 18.63
C GLU A 272 21.88 38.25 18.40
N GLU A 273 21.65 36.97 18.09
CA GLU A 273 22.72 35.98 17.94
C GLU A 273 23.66 36.27 16.75
N TYR A 274 23.08 36.85 15.71
CA TYR A 274 23.79 37.04 14.44
C TYR A 274 24.58 38.36 14.44
N ALA A 275 24.09 39.33 15.20
CA ALA A 275 24.81 40.58 15.44
C ALA A 275 26.23 40.31 15.94
N LYS A 276 26.35 39.30 16.78
CA LYS A 276 27.60 38.90 17.45
C LYS A 276 28.66 38.35 16.51
N ILE A 277 28.21 37.72 15.43
CA ILE A 277 29.10 37.25 14.38
C ILE A 277 29.72 38.47 13.72
N GLY A 278 28.93 39.53 13.70
CA GLY A 278 29.28 40.78 13.06
C GLY A 278 29.05 40.72 11.55
N ILE A 279 28.71 41.86 10.98
CA ILE A 279 28.50 41.97 9.56
C ILE A 279 29.80 42.08 8.81
N GLU A 280 30.66 42.99 9.24
CA GLU A 280 32.01 43.13 8.66
C GLU A 280 33.06 42.90 9.74
N LYS A 281 34.11 42.16 9.40
CA LYS A 281 35.21 41.86 10.31
C LYS A 281 36.54 41.79 9.58
N ASP A 282 37.51 42.54 10.09
CA ASP A 282 38.84 42.64 9.48
C ASP A 282 38.80 42.77 7.98
N GLY A 283 38.01 43.69 7.46
CA GLY A 283 37.88 43.88 6.03
C GLY A 283 37.08 42.80 5.25
N LYS A 284 36.87 41.62 5.84
CA LYS A 284 36.15 40.51 5.18
C LYS A 284 34.68 40.49 5.59
N ARG A 285 33.79 40.55 4.60
CA ARG A 285 32.35 40.55 4.85
C ARG A 285 31.95 39.14 5.36
N LEU A 286 31.06 39.00 6.34
CA LEU A 286 30.81 37.64 6.88
C LEU A 286 29.36 37.19 6.74
N GLN A 287 28.50 38.17 6.47
CA GLN A 287 27.10 37.89 6.18
C GLN A 287 26.50 39.09 5.47
N ILE A 288 25.28 38.90 4.94
CA ILE A 288 24.60 39.92 4.14
C ILE A 288 23.99 40.98 5.04
N ASN A 289 23.47 40.54 6.16
CA ASN A 289 22.91 41.39 7.19
C ASN A 289 22.95 40.57 8.51
N SER A 290 22.30 41.07 9.54
CA SER A 290 22.35 40.47 10.89
C SER A 290 20.95 40.06 11.30
N ASN A 291 20.12 39.87 10.28
CA ASN A 291 18.69 39.58 10.45
C ASN A 291 18.37 38.07 10.38
N VAL A 292 17.23 37.68 10.91
CA VAL A 292 16.88 36.24 11.00
C VAL A 292 17.03 35.55 9.65
N LEU A 293 16.56 36.19 8.61
CA LEU A 293 16.84 35.78 7.22
C LEU A 293 17.62 36.85 6.45
N GLN A 294 18.67 36.43 5.75
CA GLN A 294 19.54 37.39 5.04
C GLN A 294 18.76 37.80 3.81
N ILE A 295 18.17 36.79 3.13
CA ILE A 295 17.29 36.95 1.98
C ILE A 295 16.15 35.91 2.03
N GLU A 296 15.20 36.03 1.12
CA GLU A 296 14.00 35.19 1.14
C GLU A 296 14.33 33.69 1.06
N ASN A 297 15.33 33.36 0.25
CA ASN A 297 15.82 32.01 0.07
C ASN A 297 16.14 31.29 1.36
N GLU A 298 16.48 32.04 2.42
CA GLU A 298 16.88 31.43 3.67
C GLU A 298 15.73 30.83 4.48
N LEU A 299 14.51 31.08 4.05
CA LEU A 299 13.32 30.44 4.69
C LEU A 299 13.37 28.94 4.49
N TYR A 300 13.70 28.24 5.56
CA TYR A 300 13.82 26.77 5.52
C TYR A 300 12.51 26.01 5.92
N ALA A 301 11.43 26.36 5.25
CA ALA A 301 10.15 25.66 5.42
C ALA A 301 10.18 24.33 4.66
N PRO A 302 9.33 23.40 5.06
CA PRO A 302 9.25 22.05 4.45
C PRO A 302 8.55 22.09 3.09
N ILE A 303 7.98 23.24 2.78
CA ILE A 303 7.34 23.47 1.49
C ILE A 303 7.19 24.98 1.29
N ARG A 304 7.24 25.47 0.05
CA ARG A 304 7.12 26.93 -0.10
C ARG A 304 6.34 27.38 -1.38
N PRO A 305 5.83 28.65 -1.30
CA PRO A 305 5.16 29.29 -2.47
C PRO A 305 6.10 29.52 -3.66
N LYS A 306 5.69 29.48 -4.92
CA LYS A 306 6.73 29.74 -5.91
C LYS A 306 6.28 30.27 -7.25
N ARG A 307 7.14 31.09 -7.84
CA ARG A 307 6.94 31.59 -9.19
C ARG A 307 8.32 31.92 -9.76
N VAL A 308 8.59 31.41 -10.96
CA VAL A 308 9.86 31.63 -11.63
C VAL A 308 10.08 33.14 -11.74
N THR A 309 11.24 33.60 -11.27
CA THR A 309 11.52 35.03 -11.14
C THR A 309 12.04 35.59 -12.45
N ARG A 310 11.69 36.83 -12.72
CA ARG A 310 12.22 37.52 -13.89
C ARG A 310 13.59 38.05 -13.48
N SER A 311 14.31 38.61 -14.44
CA SER A 311 15.66 39.09 -14.17
C SER A 311 15.66 40.28 -13.16
N GLY A 312 16.47 40.15 -12.10
CA GLY A 312 16.57 41.15 -11.06
C GLY A 312 15.49 41.06 -9.96
N GLU A 313 14.38 40.39 -10.28
CA GLU A 313 13.22 40.29 -9.38
C GLU A 313 13.47 39.29 -8.23
N SER A 314 12.95 39.56 -7.04
CA SER A 314 13.04 38.65 -5.92
C SER A 314 11.87 37.61 -5.92
N PRO A 315 11.99 36.50 -5.17
CA PRO A 315 10.91 35.45 -5.08
C PRO A 315 9.59 36.04 -4.68
N SER A 316 9.61 36.89 -3.65
CA SER A 316 8.41 37.56 -3.18
C SER A 316 7.79 38.48 -4.26
N ASP A 317 8.61 39.10 -5.08
CA ASP A 317 8.10 40.03 -6.07
C ASP A 317 7.40 39.29 -7.20
N ALA A 318 8.00 38.21 -7.67
CA ALA A 318 7.33 37.38 -8.65
C ALA A 318 5.96 36.96 -8.15
N LEU A 319 5.90 36.54 -6.91
CA LEU A 319 4.64 36.04 -6.34
C LEU A 319 3.56 37.10 -6.44
N LEU A 320 3.90 38.36 -6.11
CA LEU A 320 2.93 39.45 -6.12
C LEU A 320 2.53 39.78 -7.55
N ARG A 321 3.49 39.66 -8.46
CA ARG A 321 3.25 39.98 -9.88
C ARG A 321 2.31 38.97 -10.59
N GLY A 322 2.56 37.68 -10.43
CA GLY A 322 1.75 36.69 -11.14
C GLY A 322 1.05 35.68 -10.24
N GLY A 323 1.16 35.87 -8.92
CA GLY A 323 0.58 34.92 -7.98
C GLY A 323 1.39 33.63 -7.88
N ILE A 324 0.91 32.67 -7.08
CA ILE A 324 1.67 31.43 -6.93
C ILE A 324 1.52 30.57 -8.21
N GLU A 325 2.65 30.11 -8.72
CA GLU A 325 2.70 29.37 -9.97
C GLU A 325 2.77 27.86 -9.68
N TYR A 326 3.65 27.50 -8.75
CA TYR A 326 3.90 26.11 -8.35
C TYR A 326 4.36 26.05 -6.93
N ILE A 327 4.36 24.84 -6.37
CA ILE A 327 4.87 24.68 -5.00
C ILE A 327 6.12 23.77 -4.96
N GLU A 328 7.04 24.09 -4.08
CA GLU A 328 8.30 23.35 -3.91
C GLU A 328 8.25 22.51 -2.62
N VAL A 329 7.98 21.20 -2.78
CA VAL A 329 8.08 20.25 -1.67
C VAL A 329 9.56 19.97 -1.35
N ARG A 330 9.97 20.22 -0.12
CA ARG A 330 11.37 20.18 0.27
C ARG A 330 11.76 19.10 1.27
N SER A 331 10.82 18.23 1.64
CA SER A 331 11.02 17.36 2.78
C SER A 331 11.55 16.00 2.42
N LEU A 332 11.88 15.79 1.16
CA LEU A 332 12.38 14.48 0.69
C LEU A 332 13.91 14.33 0.94
N ASP A 333 14.28 13.32 1.72
CA ASP A 333 15.66 12.88 1.83
C ASP A 333 16.08 12.19 0.56
N ILE A 334 17.39 12.11 0.38
CA ILE A 334 17.99 11.36 -0.74
C ILE A 334 17.58 9.89 -0.70
N ASN A 335 17.15 9.37 -1.84
CA ASN A 335 16.84 7.93 -1.98
C ASN A 335 18.14 7.15 -2.18
N PRO A 336 18.60 6.49 -1.12
CA PRO A 336 19.85 5.73 -1.17
C PRO A 336 19.82 4.50 -2.07
N PHE A 337 18.63 4.06 -2.47
CA PHE A 337 18.50 2.88 -3.34
C PHE A 337 18.32 3.24 -4.82
N SER A 338 18.60 4.49 -5.15
CA SER A 338 18.56 4.96 -6.53
C SER A 338 19.86 5.74 -6.83
N PRO A 339 20.55 5.38 -7.91
CA PRO A 339 21.73 6.09 -8.35
C PRO A 339 21.46 7.60 -8.59
N ILE A 340 20.22 7.98 -8.87
CA ILE A 340 19.88 9.40 -9.09
C ILE A 340 19.20 10.06 -7.90
N GLY A 341 19.11 9.32 -6.80
CA GLY A 341 18.65 9.88 -5.52
C GLY A 341 17.11 10.00 -5.38
N VAL A 342 16.39 9.53 -6.38
CA VAL A 342 14.93 9.66 -6.44
C VAL A 342 14.42 8.72 -7.51
N ASP A 343 13.24 8.17 -7.28
CA ASP A 343 12.64 7.21 -8.23
C ASP A 343 11.19 7.49 -8.56
N GLU A 344 10.62 6.64 -9.45
CA GLU A 344 9.38 6.93 -10.07
C GLU A 344 8.21 6.66 -9.07
N GLN A 345 8.41 5.71 -8.19
CA GLN A 345 7.45 5.44 -7.11
C GLN A 345 7.22 6.66 -6.21
N GLN A 346 8.30 7.41 -5.91
CA GLN A 346 8.18 8.57 -5.04
C GLN A 346 7.49 9.71 -5.76
N VAL A 347 7.84 9.90 -7.02
CA VAL A 347 7.28 10.95 -7.83
C VAL A 347 5.78 10.75 -8.00
N ARG A 348 5.39 9.51 -8.24
CA ARG A 348 4.00 9.17 -8.44
C ARG A 348 3.20 9.35 -7.15
N PHE A 349 3.80 8.99 -6.02
CA PHE A 349 3.11 9.17 -4.75
C PHE A 349 2.91 10.66 -4.45
N LEU A 350 3.92 11.46 -4.73
CA LEU A 350 3.83 12.92 -4.48
C LEU A 350 2.78 13.57 -5.37
N ASP A 351 2.62 13.06 -6.59
CA ASP A 351 1.52 13.49 -7.46
C ASP A 351 0.17 13.29 -6.74
N LEU A 352 -0.04 12.10 -6.23
CA LEU A 352 -1.35 11.74 -5.59
C LEU A 352 -1.55 12.58 -4.33
N PHE A 353 -0.52 12.70 -3.52
CA PHE A 353 -0.60 13.42 -2.24
C PHE A 353 -0.78 14.92 -2.42
N MET A 354 -0.07 15.52 -3.36
CA MET A 354 -0.24 16.94 -3.62
C MET A 354 -1.62 17.25 -4.19
N VAL A 355 -2.09 16.41 -5.10
CA VAL A 355 -3.45 16.55 -5.61
C VAL A 355 -4.47 16.44 -4.51
N TRP A 356 -4.24 15.51 -3.61
CA TRP A 356 -5.18 15.31 -2.49
C TRP A 356 -5.19 16.57 -1.56
N CYS A 357 -4.01 17.14 -1.35
CA CYS A 357 -3.87 18.36 -0.54
C CYS A 357 -4.62 19.53 -1.16
N ALA A 358 -4.73 19.53 -2.48
CA ALA A 358 -5.49 20.58 -3.21
C ALA A 358 -7.01 20.35 -3.12
N LEU A 359 -7.41 19.12 -2.86
CA LEU A 359 -8.84 18.74 -2.83
C LEU A 359 -9.47 18.91 -1.46
N ALA A 360 -8.72 18.58 -0.43
CA ALA A 360 -9.21 18.58 0.93
C ALA A 360 -9.36 20.03 1.46
N ASP A 361 -10.38 20.21 2.29
CA ASP A 361 -10.63 21.48 2.95
C ASP A 361 -9.50 21.77 3.93
N ALA A 362 -9.04 23.00 3.96
CA ALA A 362 -8.02 23.41 4.96
C ALA A 362 -8.35 24.72 5.62
N PRO A 363 -8.87 24.66 6.82
CA PRO A 363 -9.16 25.85 7.61
C PRO A 363 -7.95 26.74 7.70
N GLU A 364 -8.18 28.06 7.78
CA GLU A 364 -7.08 29.00 7.95
C GLU A 364 -6.32 28.59 9.18
N MET A 365 -5.03 28.83 9.18
CA MET A 365 -4.19 28.46 10.31
C MET A 365 -3.27 29.59 10.80
N SER A 366 -3.33 29.86 12.11
CA SER A 366 -2.48 30.93 12.70
C SER A 366 -1.07 30.40 12.84
N SER A 367 -0.17 31.26 13.28
CA SER A 367 1.23 30.89 13.44
C SER A 367 1.37 29.76 14.48
N SER A 368 0.54 29.83 15.52
CA SER A 368 0.65 28.88 16.60
C SER A 368 -0.06 27.51 16.24
N GLU A 369 -1.05 27.57 15.36
CA GLU A 369 -1.70 26.39 14.83
C GLU A 369 -0.74 25.63 13.91
N LEU A 370 0.04 26.37 13.14
CA LEU A 370 1.10 25.80 12.32
C LEU A 370 2.23 25.14 13.14
N ALA A 371 2.67 25.84 14.19
CA ALA A 371 3.69 25.30 15.08
C ALA A 371 3.21 23.95 15.69
N CYS A 372 1.89 23.80 15.86
CA CYS A 372 1.27 22.60 16.46
C CYS A 372 1.19 21.37 15.52
N THR A 373 1.30 21.60 14.21
CA THR A 373 1.35 20.48 13.24
C THR A 373 2.67 19.78 13.37
N ARG A 374 3.66 20.42 13.99
CA ARG A 374 4.99 19.83 14.11
C ARG A 374 5.10 18.60 15.02
N VAL A 375 4.21 18.49 15.96
CA VAL A 375 4.21 17.41 16.94
C VAL A 375 4.12 16.02 16.26
N ASN A 376 3.17 15.85 15.35
CA ASN A 376 3.12 14.61 14.55
C ASN A 376 4.34 14.40 13.69
N TRP A 377 4.81 15.46 13.04
CA TRP A 377 6.06 15.38 12.27
C TRP A 377 7.21 14.88 13.11
N ASN A 378 7.40 15.48 14.26
CA ASN A 378 8.49 15.09 15.17
C ASN A 378 8.36 13.67 15.60
N ARG A 379 7.13 13.27 15.83
CA ARG A 379 6.87 11.91 16.22
C ARG A 379 7.39 10.97 15.14
N VAL A 380 7.08 11.31 13.90
CA VAL A 380 7.41 10.45 12.75
C VAL A 380 8.89 10.48 12.45
N ILE A 381 9.44 11.68 12.50
CA ILE A 381 10.88 11.92 12.33
C ILE A 381 11.74 11.14 13.32
N LEU A 382 11.41 11.22 14.58
CA LEU A 382 12.24 10.64 15.64
C LEU A 382 11.88 9.18 15.99
N GLU A 383 10.63 8.79 15.76
CA GLU A 383 10.18 7.44 16.13
C GLU A 383 8.98 6.89 15.32
N GLY A 384 8.95 7.25 14.03
CA GLY A 384 7.87 6.97 13.15
C GLY A 384 7.58 5.47 12.99
N ARG A 385 8.61 4.61 13.05
CA ARG A 385 8.44 3.18 12.84
C ARG A 385 8.21 2.38 14.14
N LYS A 386 8.02 3.08 15.25
CA LYS A 386 7.77 2.41 16.52
C LYS A 386 6.38 1.77 16.53
N PRO A 387 6.31 0.46 16.77
CA PRO A 387 5.00 -0.23 16.90
C PRO A 387 4.14 0.38 17.98
N GLY A 388 2.90 0.63 17.63
CA GLY A 388 1.93 1.24 18.54
C GLY A 388 1.87 2.74 18.46
N LEU A 389 2.68 3.33 17.57
CA LEU A 389 2.82 4.78 17.57
C LEU A 389 1.50 5.43 17.28
N THR A 390 1.13 6.46 18.06
CA THR A 390 -0.12 7.17 17.81
C THR A 390 0.12 8.61 17.46
N LEU A 391 -0.85 9.20 16.77
CA LEU A 391 -0.81 10.60 16.37
C LEU A 391 -2.01 11.36 16.92
N GLY A 392 -1.92 12.71 16.90
CA GLY A 392 -3.02 13.55 17.31
C GLY A 392 -3.40 14.64 16.32
N ILE A 393 -4.48 15.35 16.64
CA ILE A 393 -4.92 16.47 15.86
C ILE A 393 -4.31 17.71 16.48
N GLY A 394 -3.16 18.14 15.95
CA GLY A 394 -2.51 19.34 16.46
C GLY A 394 -1.68 19.10 17.68
N CYS A 395 -1.88 19.92 18.71
CA CYS A 395 -1.21 19.74 19.99
C CYS A 395 -1.95 18.76 20.90
N GLU A 396 -3.15 18.36 20.49
CA GLU A 396 -3.98 17.50 21.30
C GLU A 396 -3.32 16.15 21.60
N THR A 397 -3.87 15.51 22.62
CA THR A 397 -3.45 14.15 23.01
C THR A 397 -3.47 13.18 21.82
N ALA A 398 -2.37 12.45 21.61
CA ALA A 398 -2.30 11.39 20.60
C ALA A 398 -3.35 10.33 20.88
N GLN A 399 -4.21 10.07 19.91
CA GLN A 399 -5.18 9.01 20.07
C GLN A 399 -5.23 8.08 18.86
N PHE A 400 -4.80 8.56 17.69
CA PHE A 400 -5.07 7.80 16.46
C PHE A 400 -3.86 6.95 16.07
N PRO A 401 -4.00 5.64 15.96
CA PRO A 401 -2.90 4.79 15.51
C PRO A 401 -2.45 5.17 14.11
N LEU A 402 -1.14 5.27 13.91
CA LEU A 402 -0.57 5.72 12.67
C LEU A 402 -0.99 4.89 11.44
N PRO A 403 -0.98 3.56 11.54
CA PRO A 403 -1.33 2.71 10.39
C PRO A 403 -2.76 2.93 9.92
N GLN A 404 -3.68 2.95 10.86
CA GLN A 404 -5.09 3.21 10.56
C GLN A 404 -5.26 4.57 9.82
N VAL A 405 -4.49 5.57 10.27
CA VAL A 405 -4.57 6.90 9.70
C VAL A 405 -4.04 6.94 8.26
N GLY A 406 -2.94 6.24 8.03
CA GLY A 406 -2.34 6.21 6.72
C GLY A 406 -3.21 5.45 5.74
N LYS A 407 -3.89 4.41 6.23
CA LYS A 407 -4.78 3.66 5.41
C LYS A 407 -5.98 4.51 5.01
N ASP A 408 -6.40 5.36 5.92
CA ASP A 408 -7.57 6.21 5.70
C ASP A 408 -7.22 7.15 4.57
N LEU A 409 -6.07 7.79 4.69
CA LEU A 409 -5.56 8.68 3.63
C LEU A 409 -5.47 7.99 2.28
N PHE A 410 -5.01 6.76 2.30
CA PHE A 410 -4.72 6.00 1.08
C PHE A 410 -5.95 5.51 0.34
N ARG A 411 -7.08 5.34 1.03
CA ARG A 411 -8.36 5.10 0.37
C ARG A 411 -8.72 6.26 -0.55
N ASP A 412 -8.46 7.50 -0.07
CA ASP A 412 -8.67 8.67 -0.89
C ASP A 412 -7.66 8.73 -2.02
N LEU A 413 -6.39 8.47 -1.71
CA LEU A 413 -5.33 8.49 -2.71
C LEU A 413 -5.55 7.49 -3.88
N LYS A 414 -6.06 6.34 -3.58
CA LYS A 414 -6.34 5.31 -4.65
C LYS A 414 -7.44 5.81 -5.57
N ARG A 415 -8.32 6.66 -5.06
CA ARG A 415 -9.38 7.24 -5.88
C ARG A 415 -8.82 8.30 -6.84
N VAL A 416 -7.92 9.10 -6.33
CA VAL A 416 -7.19 10.08 -7.15
C VAL A 416 -6.40 9.30 -8.21
N ALA A 417 -5.83 8.18 -7.78
CA ALA A 417 -5.01 7.35 -8.64
C ALA A 417 -5.82 6.74 -9.79
N GLN A 418 -7.03 6.33 -9.48
CA GLN A 418 -7.90 5.76 -10.50
C GLN A 418 -8.21 6.77 -11.59
N THR A 419 -8.36 8.03 -11.20
CA THR A 419 -8.61 9.12 -12.16
C THR A 419 -7.38 9.36 -13.03
N LEU A 420 -6.22 9.43 -12.40
CA LEU A 420 -4.97 9.70 -13.10
C LEU A 420 -4.63 8.54 -14.09
N ASP A 421 -4.93 7.32 -13.70
CA ASP A 421 -4.65 6.18 -14.55
C ASP A 421 -5.62 6.16 -15.75
N SER A 422 -6.89 6.46 -15.53
CA SER A 422 -7.83 6.57 -16.62
C SER A 422 -7.51 7.71 -17.64
N ILE A 423 -6.77 8.75 -17.26
CA ILE A 423 -6.24 9.74 -18.24
C ILE A 423 -5.03 9.23 -19.01
N ASN A 424 -3.97 8.84 -18.31
CA ASN A 424 -2.73 8.39 -18.93
C ASN A 424 -2.81 6.96 -19.53
N GLY A 425 -3.84 6.22 -19.15
CA GLY A 425 -3.93 4.81 -19.49
C GLY A 425 -3.06 4.01 -18.52
N GLY A 426 -3.31 2.71 -18.43
CA GLY A 426 -2.53 1.86 -17.51
C GLY A 426 -3.00 1.87 -16.05
N GLU A 427 -2.15 1.35 -15.15
CA GLU A 427 -2.49 1.16 -13.75
C GLU A 427 -1.37 1.61 -12.80
N ALA A 428 -0.37 2.33 -13.32
CA ALA A 428 0.81 2.70 -12.59
C ALA A 428 0.56 3.41 -11.23
N TYR A 429 -0.32 4.37 -11.23
CA TYR A 429 -0.64 5.07 -10.03
C TYR A 429 -1.30 4.14 -8.99
N GLN A 430 -2.24 3.36 -9.41
CA GLN A 430 -2.94 2.43 -8.48
C GLN A 430 -1.99 1.42 -7.92
N LYS A 431 -1.06 0.99 -8.72
CA LYS A 431 -0.08 0.02 -8.31
C LYS A 431 0.86 0.63 -7.23
N VAL A 432 1.20 1.90 -7.39
CA VAL A 432 2.04 2.57 -6.42
C VAL A 432 1.30 2.65 -5.03
N CYS A 433 0.03 2.92 -5.06
CA CYS A 433 -0.77 2.98 -3.82
C CYS A 433 -0.78 1.62 -3.08
N ASP A 434 -0.93 0.55 -3.84
CA ASP A 434 -0.91 -0.83 -3.30
C ASP A 434 0.44 -1.18 -2.67
N GLU A 435 1.55 -0.78 -3.31
CA GLU A 435 2.87 -1.03 -2.78
C GLU A 435 3.12 -0.28 -1.49
N LEU A 436 2.80 1.01 -1.47
CA LEU A 436 3.17 1.91 -0.37
C LEU A 436 2.29 1.72 0.85
N VAL A 437 1.04 1.39 0.65
CA VAL A 437 0.12 1.31 1.75
C VAL A 437 0.53 0.18 2.70
N ALA A 438 1.16 -0.85 2.14
CA ALA A 438 1.62 -1.98 2.93
C ALA A 438 2.65 -1.55 3.99
N CYS A 439 3.24 -0.36 3.80
CA CYS A 439 4.29 0.13 4.68
C CYS A 439 3.78 0.50 6.07
N PHE A 440 2.47 0.66 6.19
CA PHE A 440 1.89 1.20 7.43
C PHE A 440 1.81 0.11 8.48
N ASP A 441 1.39 -1.09 8.05
CA ASP A 441 1.40 -2.24 8.93
C ASP A 441 2.80 -2.84 9.02
N ASN A 442 3.61 -2.57 8.01
CA ASN A 442 4.93 -3.15 7.91
C ASN A 442 6.03 -2.08 7.66
N PRO A 443 6.45 -1.41 8.71
CA PRO A 443 7.45 -0.35 8.63
C PRO A 443 8.81 -0.79 8.11
N ASP A 444 9.10 -2.08 8.14
CA ASP A 444 10.37 -2.58 7.62
C ASP A 444 10.52 -2.38 6.10
N LEU A 445 9.42 -2.05 5.43
CA LEU A 445 9.45 -1.80 3.97
C LEU A 445 9.80 -0.36 3.63
N THR A 446 9.85 0.51 4.65
CA THR A 446 10.15 1.93 4.42
C THR A 446 11.63 2.11 4.13
N PHE A 447 11.97 3.29 3.65
CA PHE A 447 13.33 3.60 3.27
C PHE A 447 14.25 3.61 4.48
N SER A 448 13.70 4.05 5.60
CA SER A 448 14.53 4.34 6.78
C SER A 448 14.93 3.00 7.48
N ALA A 449 14.03 2.03 7.42
CA ALA A 449 14.31 0.69 7.95
C ALA A 449 15.28 -0.03 7.03
N ARG A 450 15.09 0.11 5.72
CA ARG A 450 15.92 -0.59 4.74
C ARG A 450 17.39 -0.13 4.84
N ILE A 451 17.61 1.18 4.94
CA ILE A 451 18.98 1.68 5.01
C ILE A 451 19.59 1.53 6.39
N LEU A 452 18.77 1.62 7.42
CA LEU A 452 19.24 1.30 8.78
C LEU A 452 19.76 -0.15 8.85
N ARG A 453 19.01 -1.05 8.26
CA ARG A 453 19.40 -2.47 8.19
C ARG A 453 20.77 -2.62 7.54
N SER A 454 20.91 -2.03 6.36
CA SER A 454 22.14 -2.14 5.56
C SER A 454 23.35 -1.51 6.27
N MET A 455 23.11 -0.50 7.09
CA MET A 455 24.18 0.15 7.86
C MET A 455 24.65 -0.70 9.02
N ILE A 456 23.74 -1.52 9.57
CA ILE A 456 24.10 -2.44 10.66
C ILE A 456 24.79 -3.67 10.09
N ASP A 457 24.35 -4.15 8.93
CA ASP A 457 24.89 -5.39 8.34
C ASP A 457 26.29 -5.19 7.78
N THR A 458 26.66 -3.95 7.52
CA THR A 458 28.02 -3.65 7.11
C THR A 458 28.63 -2.76 8.17
N THR A 463 28.91 1.82 4.17
CA THR A 463 27.71 1.77 3.30
C THR A 463 27.67 2.89 2.24
N GLY A 464 27.72 4.12 2.72
CA GLY A 464 27.77 5.30 1.85
C GLY A 464 28.82 5.19 0.74
N LYS A 465 30.04 4.76 1.11
CA LYS A 465 31.13 4.57 0.15
C LYS A 465 30.89 3.45 -0.83
N ALA A 466 30.39 2.33 -0.32
CA ALA A 466 30.10 1.18 -1.16
C ALA A 466 29.02 1.47 -2.21
N PHE A 467 27.97 2.19 -1.81
CA PHE A 467 26.84 2.53 -2.70
C PHE A 467 27.35 3.53 -3.78
N ALA A 468 28.03 4.57 -3.29
CA ALA A 468 28.69 5.58 -4.14
C ALA A 468 29.56 4.95 -5.22
N GLU A 469 30.30 3.94 -4.85
CA GLU A 469 31.18 3.24 -5.79
C GLU A 469 30.33 2.46 -6.79
N ALA A 470 29.42 1.61 -6.29
CA ALA A 470 28.53 0.90 -7.19
C ALA A 470 27.77 1.82 -8.14
N TYR A 471 27.36 2.99 -7.65
CA TYR A 471 26.58 3.92 -8.47
C TYR A 471 27.42 4.66 -9.47
N ARG A 472 28.68 4.94 -9.11
CA ARG A 472 29.62 5.46 -10.09
C ARG A 472 29.82 4.50 -11.25
N ASN A 473 30.09 3.24 -10.97
CA ASN A 473 30.46 2.30 -12.04
C ASN A 473 29.27 1.98 -12.95
N LEU A 474 28.08 1.91 -12.35
CA LEU A 474 26.86 1.67 -13.09
C LEU A 474 26.62 2.85 -14.03
N LEU A 475 26.73 4.06 -13.50
CA LEU A 475 26.46 5.27 -14.28
C LEU A 475 27.40 5.53 -15.46
N ARG A 476 28.71 5.31 -15.28
CA ARG A 476 29.70 5.58 -16.34
C ARG A 476 29.52 4.67 -17.55
N GLU A 477 29.10 3.42 -17.30
CA GLU A 477 28.86 2.45 -18.38
C GLU A 477 27.60 2.77 -19.24
N GLU A 478 26.78 3.70 -18.77
CA GLU A 478 25.49 3.97 -19.37
C GLU A 478 25.51 5.09 -20.41
N PRO A 479 25.10 4.77 -21.63
CA PRO A 479 24.92 5.81 -22.66
C PRO A 479 23.82 6.79 -22.28
N LEU A 480 24.00 8.04 -22.66
CA LEU A 480 22.96 9.07 -22.55
C LEU A 480 21.75 8.70 -23.39
N GLU A 481 20.56 9.05 -22.91
CA GLU A 481 19.34 8.64 -23.63
C GLU A 481 18.60 9.81 -24.28
N ILE A 482 18.57 10.96 -23.61
CA ILE A 482 17.81 12.11 -24.09
C ILE A 482 18.77 13.14 -24.69
N LEU A 483 19.71 13.59 -23.88
CA LEU A 483 20.77 14.54 -24.29
C LEU A 483 21.94 13.83 -24.92
N ARG A 484 22.72 14.62 -25.66
CA ARG A 484 24.00 14.14 -26.17
C ARG A 484 25.11 14.98 -25.56
N GLU A 485 26.34 14.57 -25.79
CA GLU A 485 27.48 15.33 -25.26
C GLU A 485 27.51 16.72 -25.82
N GLU A 486 27.11 16.84 -27.08
CA GLU A 486 27.20 18.14 -27.73
C GLU A 486 26.25 19.11 -27.04
N ASP A 487 25.13 18.59 -26.52
CA ASP A 487 24.21 19.41 -25.77
C ASP A 487 24.85 19.95 -24.47
N PHE A 488 25.53 19.07 -23.76
CA PHE A 488 26.24 19.41 -22.53
C PHE A 488 27.38 20.42 -22.80
N VAL A 489 28.08 20.23 -23.88
CA VAL A 489 29.15 21.17 -24.30
C VAL A 489 28.60 22.54 -24.67
N ALA A 490 27.51 22.57 -25.43
CA ALA A 490 26.89 23.85 -25.80
C ALA A 490 26.34 24.59 -24.60
N GLU A 491 25.76 23.85 -23.63
CA GLU A 491 25.24 24.51 -22.45
C GLU A 491 26.38 25.09 -21.56
N ARG A 492 27.47 24.35 -21.47
CA ARG A 492 28.60 24.75 -20.72
C ARG A 492 29.18 26.05 -21.34
N GLU A 493 29.43 26.02 -22.64
CA GLU A 493 29.91 27.17 -23.38
C GLU A 493 29.00 28.39 -23.19
N ALA A 494 27.70 28.20 -23.32
CA ALA A 494 26.74 29.28 -23.18
C ALA A 494 26.60 29.81 -21.76
N SER A 495 26.62 28.92 -20.77
CA SER A 495 26.61 29.41 -19.37
C SER A 495 27.90 30.29 -19.10
N GLU A 496 29.05 29.81 -19.55
CA GLU A 496 30.32 30.56 -19.35
C GLU A 496 30.23 31.98 -19.95
N ARG A 497 29.62 32.12 -21.12
CA ARG A 497 29.29 33.44 -21.67
C ARG A 497 28.36 34.24 -20.81
N ARG A 498 27.28 33.61 -20.34
CA ARG A 498 26.28 34.37 -19.61
C ARG A 498 26.98 35.01 -18.39
N GLN A 499 27.85 34.24 -17.77
CA GLN A 499 28.63 34.72 -16.65
C GLN A 499 29.55 35.92 -17.08
N GLN A 500 30.31 35.75 -18.16
CA GLN A 500 31.19 36.83 -18.67
C GLN A 500 30.34 38.04 -18.92
N GLU A 501 29.29 37.88 -19.70
CA GLU A 501 28.35 38.97 -19.94
C GLU A 501 27.90 39.68 -18.66
N MET A 502 27.62 38.93 -17.58
CA MET A 502 27.21 39.57 -16.33
C MET A 502 28.37 40.33 -15.67
N GLU A 503 29.55 39.73 -15.77
CA GLU A 503 30.77 40.27 -15.21
C GLU A 503 31.17 41.64 -15.91
N ALA A 504 30.76 41.82 -17.17
CA ALA A 504 31.04 43.03 -17.94
C ALA A 504 29.91 44.06 -17.90
N ALA A 505 28.69 43.64 -17.52
CA ALA A 505 27.54 44.55 -17.44
C ALA A 505 27.50 45.32 -16.11
N ASP A 506 28.28 44.87 -15.13
CA ASP A 506 28.35 45.56 -13.84
C ASP A 506 28.93 46.99 -14.09
N THR A 507 28.22 48.01 -13.62
CA THR A 507 28.71 49.41 -13.69
C THR A 507 29.30 49.87 -12.33
N GLU A 508 28.65 49.44 -11.25
CA GLU A 508 29.04 49.79 -9.88
C GLU A 508 29.89 48.73 -9.19
N PRO A 509 30.74 49.15 -8.27
CA PRO A 509 31.57 48.19 -7.53
C PRO A 509 30.73 47.43 -6.50
N PHE A 510 31.17 46.22 -6.17
CA PHE A 510 30.42 45.31 -5.29
C PHE A 510 29.87 46.06 -4.08
N ALA A 511 30.70 46.93 -3.51
CA ALA A 511 30.38 47.61 -2.26
C ALA A 511 29.13 48.48 -2.32
N VAL A 512 28.96 49.21 -3.42
CA VAL A 512 27.82 50.13 -3.58
C VAL A 512 26.52 49.36 -3.90
N TRP A 513 26.67 48.27 -4.65
CA TRP A 513 25.54 47.41 -5.05
C TRP A 513 24.74 46.95 -3.83
N LEU A 514 25.46 46.49 -2.82
CA LEU A 514 24.83 45.95 -1.62
C LEU A 514 23.85 46.95 -1.03
N GLU A 515 24.40 48.08 -0.61
CA GLU A 515 23.67 49.13 0.10
C GLU A 515 22.42 49.53 -0.70
N MET B 1 1.76 -39.34 12.47
CA MET B 1 1.15 -38.87 11.20
C MET B 1 1.73 -37.52 10.81
N ILE B 2 1.90 -36.68 11.81
CA ILE B 2 2.27 -35.30 11.61
C ILE B 2 3.77 -35.30 11.53
N PRO B 3 4.32 -34.85 10.41
CA PRO B 3 5.76 -34.89 10.18
C PRO B 3 6.53 -34.16 11.25
N ASP B 4 7.80 -34.49 11.34
CA ASP B 4 8.71 -33.82 12.26
C ASP B 4 9.16 -32.55 11.57
N VAL B 5 9.04 -31.44 12.26
CA VAL B 5 9.25 -30.16 11.62
C VAL B 5 10.19 -29.41 12.48
N SER B 6 10.92 -30.16 13.29
CA SER B 6 11.86 -29.56 14.27
C SER B 6 12.99 -28.77 13.60
N GLN B 7 13.53 -29.28 12.47
CA GLN B 7 14.58 -28.55 11.75
C GLN B 7 14.00 -27.22 11.35
N ALA B 8 12.92 -27.28 10.59
CA ALA B 8 12.34 -26.05 10.03
C ALA B 8 11.91 -25.09 11.14
N LEU B 9 11.51 -25.65 12.28
CA LEU B 9 10.97 -24.88 13.39
C LEU B 9 12.06 -24.26 14.21
N ALA B 10 13.16 -25.00 14.40
CA ALA B 10 14.36 -24.43 15.03
C ALA B 10 14.91 -23.30 14.17
N TRP B 11 14.77 -23.46 12.85
CA TRP B 11 15.17 -22.39 11.94
C TRP B 11 14.35 -21.15 12.22
N LEU B 12 13.03 -21.36 12.27
CA LEU B 12 12.11 -20.26 12.45
C LEU B 12 12.36 -19.56 13.77
N GLU B 13 12.44 -20.36 14.85
CA GLU B 13 12.65 -19.79 16.18
C GLU B 13 13.98 -18.99 16.24
N LYS B 14 14.96 -19.36 15.43
CA LYS B 14 16.23 -18.59 15.32
C LYS B 14 16.15 -17.43 14.33
N HIS B 15 15.14 -17.43 13.46
CA HIS B 15 14.87 -16.28 12.58
C HIS B 15 13.41 -15.78 12.76
N PRO B 16 13.11 -15.17 13.90
CA PRO B 16 11.71 -14.88 14.27
C PRO B 16 11.11 -13.73 13.44
N GLN B 17 11.97 -12.80 13.00
CA GLN B 17 11.54 -11.60 12.27
C GLN B 17 11.16 -11.89 10.82
N ALA B 18 11.36 -13.12 10.44
CA ALA B 18 10.90 -13.64 9.15
C ALA B 18 9.40 -13.67 8.96
N LEU B 19 8.67 -13.59 10.06
CA LEU B 19 7.22 -13.65 10.01
C LEU B 19 6.58 -12.25 10.10
N LYS B 20 7.41 -11.27 10.23
CA LYS B 20 6.93 -9.89 10.32
C LYS B 20 6.40 -9.40 9.00
N GLY B 21 5.17 -8.90 9.02
CA GLY B 21 4.55 -8.36 7.83
C GLY B 21 3.57 -9.28 7.10
N ILE B 22 2.97 -10.22 7.80
CA ILE B 22 1.96 -11.08 7.15
C ILE B 22 0.84 -10.20 6.64
N GLN B 23 0.28 -10.56 5.49
CA GLN B 23 -0.89 -9.85 4.96
C GLN B 23 -2.06 -10.78 4.83
N ARG B 24 -3.24 -10.24 5.03
CA ARG B 24 -4.47 -11.08 4.96
C ARG B 24 -5.62 -10.34 4.33
N GLY B 25 -6.64 -11.13 3.93
CA GLY B 25 -7.86 -10.55 3.44
C GLY B 25 -9.00 -11.55 3.65
N LEU B 26 -10.19 -11.05 3.93
CA LEU B 26 -11.33 -11.94 4.13
C LEU B 26 -12.44 -11.73 3.12
N GLU B 27 -13.03 -12.84 2.73
CA GLU B 27 -14.20 -12.87 1.91
C GLU B 27 -15.27 -13.53 2.77
N ARG B 28 -16.40 -12.87 2.91
CA ARG B 28 -17.54 -13.53 3.61
C ARG B 28 -18.84 -13.37 2.81
N GLU B 29 -19.46 -14.50 2.53
CA GLU B 29 -20.71 -14.57 1.79
C GLU B 29 -21.92 -14.79 2.70
N THR B 30 -23.05 -14.22 2.30
CA THR B 30 -24.30 -14.37 3.04
C THR B 30 -25.54 -14.01 2.19
N LEU B 31 -26.58 -14.79 2.36
CA LEU B 31 -27.85 -14.59 1.64
C LEU B 31 -28.69 -13.55 2.33
N ARG B 32 -29.26 -12.67 1.52
CA ARG B 32 -30.24 -11.72 2.02
C ARG B 32 -31.54 -12.51 2.15
N VAL B 33 -32.08 -12.54 3.36
CA VAL B 33 -33.31 -13.25 3.63
C VAL B 33 -34.32 -12.39 4.32
N ASN B 34 -35.58 -12.77 4.08
CA ASN B 34 -36.70 -12.16 4.76
C ASN B 34 -36.76 -12.66 6.21
N ALA B 35 -37.42 -11.91 7.08
CA ALA B 35 -37.64 -12.30 8.48
C ALA B 35 -38.05 -13.78 8.72
N ASP B 36 -38.68 -14.38 7.74
CA ASP B 36 -39.17 -15.76 7.87
C ASP B 36 -38.19 -16.77 7.27
N GLY B 37 -37.04 -16.27 6.79
CA GLY B 37 -36.00 -17.14 6.27
C GLY B 37 -36.02 -17.46 4.78
N THR B 38 -37.07 -17.03 4.09
CA THR B 38 -37.14 -17.15 2.64
C THR B 38 -36.12 -16.25 1.97
N LEU B 39 -35.53 -16.72 0.87
CA LEU B 39 -34.61 -15.93 0.07
C LEU B 39 -35.26 -14.64 -0.43
N ALA B 40 -34.63 -13.49 -0.17
CA ALA B 40 -35.20 -12.22 -0.66
C ALA B 40 -35.12 -12.16 -2.18
N THR B 41 -36.16 -11.61 -2.79
CA THR B 41 -36.23 -11.51 -4.26
C THR B 41 -36.09 -10.06 -4.72
N THR B 42 -35.87 -9.12 -3.79
CA THR B 42 -35.45 -7.76 -4.17
C THR B 42 -34.06 -7.74 -4.78
N GLY B 43 -33.76 -6.63 -5.41
CA GLY B 43 -32.47 -6.45 -6.08
C GLY B 43 -31.36 -6.03 -5.10
N HIS B 44 -30.12 -6.29 -5.51
CA HIS B 44 -28.95 -5.80 -4.76
C HIS B 44 -29.24 -4.40 -4.25
N PRO B 45 -29.26 -4.24 -2.94
CA PRO B 45 -29.68 -2.97 -2.33
C PRO B 45 -29.05 -1.73 -2.95
N GLU B 46 -29.88 -0.71 -3.08
CA GLU B 46 -29.52 0.50 -3.79
C GLU B 46 -28.36 1.24 -3.08
N ALA B 47 -28.36 1.18 -1.75
CA ALA B 47 -27.33 1.82 -0.96
C ALA B 47 -25.92 1.24 -1.22
N LEU B 48 -25.89 0.10 -1.90
CA LEU B 48 -24.68 -0.65 -2.13
C LEU B 48 -24.16 -0.43 -3.51
N GLY B 49 -24.93 0.30 -4.32
CA GLY B 49 -24.45 0.76 -5.63
C GLY B 49 -24.26 -0.38 -6.63
N SER B 50 -23.16 -0.33 -7.35
CA SER B 50 -22.87 -1.35 -8.36
C SER B 50 -22.05 -2.49 -7.81
N ALA B 51 -22.66 -3.67 -7.73
CA ALA B 51 -21.96 -4.90 -7.32
C ALA B 51 -20.79 -5.23 -8.25
N LEU B 52 -20.91 -4.80 -9.51
CA LEU B 52 -19.93 -5.14 -10.53
C LEU B 52 -18.56 -4.49 -10.25
N THR B 53 -18.54 -3.26 -9.69
CA THR B 53 -17.31 -2.45 -9.53
C THR B 53 -16.92 -2.01 -8.12
N HIS B 54 -17.88 -2.06 -7.22
CA HIS B 54 -17.68 -1.73 -5.81
C HIS B 54 -16.41 -2.30 -5.19
N LYS B 55 -15.76 -1.62 -4.27
CA LYS B 55 -14.48 -2.13 -3.75
C LYS B 55 -14.59 -3.04 -2.52
N TRP B 56 -15.69 -3.00 -1.79
CA TRP B 56 -15.75 -3.77 -0.57
C TRP B 56 -16.94 -4.69 -0.51
N ILE B 57 -18.02 -4.32 -1.18
CA ILE B 57 -19.24 -5.09 -1.14
C ILE B 57 -19.69 -5.45 -2.55
N THR B 58 -20.02 -6.71 -2.74
CA THR B 58 -20.45 -7.15 -4.06
C THR B 58 -21.42 -8.32 -3.92
N THR B 59 -21.73 -9.00 -5.01
CA THR B 59 -22.53 -10.16 -4.95
C THR B 59 -21.72 -11.34 -5.47
N ASP B 60 -22.16 -12.53 -5.11
CA ASP B 60 -21.51 -13.73 -5.56
C ASP B 60 -22.46 -14.39 -6.66
N PHE B 61 -22.77 -15.65 -6.51
CA PHE B 61 -23.53 -16.39 -7.54
C PHE B 61 -24.89 -15.76 -7.76
N ALA B 62 -25.65 -15.64 -6.69
CA ALA B 62 -26.99 -15.08 -6.76
C ALA B 62 -27.05 -13.61 -6.49
N GLU B 63 -28.12 -12.97 -6.93
CA GLU B 63 -28.31 -11.52 -6.71
C GLU B 63 -28.60 -11.23 -5.25
N ALA B 64 -29.15 -12.24 -4.57
CA ALA B 64 -29.45 -12.10 -3.16
C ALA B 64 -28.26 -12.57 -2.27
N LEU B 65 -27.20 -13.05 -2.92
CA LEU B 65 -26.05 -13.59 -2.24
C LEU B 65 -24.93 -12.51 -2.09
N LEU B 66 -25.04 -11.76 -1.01
CA LEU B 66 -24.01 -10.75 -0.68
C LEU B 66 -22.62 -11.37 -0.53
N GLU B 67 -21.62 -10.55 -0.81
CA GLU B 67 -20.22 -10.88 -0.45
C GLU B 67 -19.44 -9.67 0.01
N PHE B 68 -18.85 -9.81 1.20
CA PHE B 68 -18.05 -8.78 1.81
C PHE B 68 -16.59 -9.10 1.65
N ILE B 69 -15.82 -8.10 1.17
CA ILE B 69 -14.42 -8.30 0.90
C ILE B 69 -13.61 -7.18 1.54
N THR B 70 -12.73 -7.53 2.50
CA THR B 70 -11.82 -6.57 3.10
C THR B 70 -10.61 -6.34 2.22
N PRO B 71 -10.16 -5.11 2.13
CA PRO B 71 -8.94 -4.78 1.39
C PRO B 71 -7.75 -5.36 2.10
N VAL B 72 -6.77 -5.83 1.36
CA VAL B 72 -5.61 -6.51 1.96
C VAL B 72 -5.07 -5.72 3.11
N ASP B 73 -4.69 -6.42 4.18
CA ASP B 73 -4.37 -5.75 5.45
C ASP B 73 -3.42 -6.57 6.27
N GLY B 74 -2.64 -5.88 7.11
CA GLY B 74 -1.65 -6.53 7.95
C GLY B 74 -2.00 -6.56 9.42
N ASP B 75 -3.16 -6.05 9.75
CA ASP B 75 -3.57 -5.89 11.13
C ASP B 75 -4.95 -6.57 11.32
N ILE B 76 -4.96 -7.58 12.17
CA ILE B 76 -6.12 -8.43 12.35
C ILE B 76 -7.32 -7.69 12.83
N GLU B 77 -7.13 -6.92 13.88
CA GLU B 77 -8.18 -6.14 14.49
C GLU B 77 -8.82 -5.13 13.51
N HIS B 78 -7.98 -4.45 12.78
CA HIS B 78 -8.43 -3.43 11.85
C HIS B 78 -9.23 -4.07 10.73
N MET B 79 -8.75 -5.21 10.27
CA MET B 79 -9.42 -5.92 9.18
C MET B 79 -10.78 -6.45 9.59
N LEU B 80 -10.85 -7.02 10.78
CA LEU B 80 -12.15 -7.53 11.27
C LEU B 80 -13.12 -6.40 11.56
N THR B 81 -12.60 -5.29 12.07
CA THR B 81 -13.43 -4.11 12.32
C THR B 81 -13.99 -3.58 11.01
N PHE B 82 -13.13 -3.57 9.97
CA PHE B 82 -13.53 -3.13 8.64
C PHE B 82 -14.68 -4.02 8.14
N MET B 83 -14.52 -5.32 8.28
CA MET B 83 -15.57 -6.26 7.84
C MET B 83 -16.89 -5.96 8.55
N ARG B 84 -16.79 -5.68 9.84
CA ARG B 84 -17.96 -5.40 10.65
C ARG B 84 -18.66 -4.08 10.26
N ASP B 85 -17.86 -3.08 9.86
CA ASP B 85 -18.40 -1.83 9.33
C ASP B 85 -19.21 -2.07 8.10
N LEU B 86 -18.72 -2.94 7.21
CA LEU B 86 -19.48 -3.29 5.99
C LEU B 86 -20.81 -3.89 6.38
N HIS B 87 -20.77 -4.79 7.37
CA HIS B 87 -21.96 -5.47 7.89
C HIS B 87 -22.92 -4.47 8.47
N ARG B 88 -22.39 -3.61 9.35
CA ARG B 88 -23.18 -2.61 10.00
C ARG B 88 -24.00 -1.81 8.99
N TYR B 89 -23.29 -1.22 8.02
CA TYR B 89 -23.96 -0.33 7.06
C TYR B 89 -24.99 -1.10 6.20
N THR B 90 -24.64 -2.32 5.85
CA THR B 90 -25.47 -3.13 5.00
C THR B 90 -26.80 -3.49 5.71
N ALA B 91 -26.70 -3.66 7.01
CA ALA B 91 -27.82 -4.11 7.83
C ALA B 91 -28.80 -2.97 8.08
N ARG B 92 -28.29 -1.74 7.97
CA ARG B 92 -29.07 -0.53 8.13
C ARG B 92 -29.73 -0.08 6.83
N ASN B 93 -29.33 -0.66 5.69
CA ASN B 93 -29.77 -0.18 4.38
C ASN B 93 -30.26 -1.28 3.47
N MET B 94 -30.99 -2.23 4.03
CA MET B 94 -31.56 -3.31 3.23
C MET B 94 -33.03 -3.57 3.65
N GLY B 95 -33.62 -2.58 4.29
CA GLY B 95 -35.01 -2.63 4.69
C GLY B 95 -35.21 -3.55 5.89
N ASP B 96 -36.18 -4.43 5.82
CA ASP B 96 -36.46 -5.33 6.97
C ASP B 96 -35.71 -6.61 6.73
N GLU B 97 -34.94 -6.65 5.65
CA GLU B 97 -34.19 -7.87 5.30
C GLU B 97 -33.02 -8.06 6.29
N ARG B 98 -32.50 -9.28 6.29
CA ARG B 98 -31.46 -9.65 7.20
C ARG B 98 -30.55 -10.69 6.54
N MET B 99 -29.46 -11.08 7.20
CA MET B 99 -28.48 -11.99 6.64
C MET B 99 -28.50 -13.39 7.22
N TRP B 100 -28.46 -14.41 6.34
CA TRP B 100 -28.45 -15.81 6.75
C TRP B 100 -27.11 -16.09 7.46
N PRO B 101 -27.18 -16.59 8.68
CA PRO B 101 -26.00 -16.80 9.56
C PRO B 101 -25.24 -18.11 9.30
N LEU B 102 -25.72 -18.95 8.39
CA LEU B 102 -25.10 -20.24 8.15
C LEU B 102 -24.63 -20.43 6.74
N SER B 103 -23.81 -21.46 6.58
CA SER B 103 -23.27 -21.81 5.28
C SER B 103 -24.34 -22.39 4.39
N MET B 104 -25.07 -23.36 4.95
CA MET B 104 -26.16 -24.09 4.24
C MET B 104 -27.50 -23.35 4.43
N PRO B 105 -28.15 -23.02 3.31
CA PRO B 105 -29.48 -22.40 3.36
C PRO B 105 -30.51 -23.48 3.81
N SER B 106 -31.47 -23.07 4.61
CA SER B 106 -32.47 -23.97 5.15
C SER B 106 -33.75 -24.02 4.29
N TYR B 107 -34.18 -22.84 3.79
CA TYR B 107 -35.46 -22.65 3.13
C TYR B 107 -35.33 -22.30 1.63
N ILE B 108 -34.62 -23.15 0.90
CA ILE B 108 -34.51 -23.02 -0.52
C ILE B 108 -34.60 -24.39 -1.18
N ALA B 109 -35.62 -24.58 -2.03
CA ALA B 109 -35.91 -25.89 -2.62
C ALA B 109 -34.91 -26.20 -3.72
N GLU B 110 -34.70 -27.48 -4.00
CA GLU B 110 -33.94 -27.84 -5.20
C GLU B 110 -34.74 -27.37 -6.43
N GLY B 111 -34.01 -26.84 -7.40
CA GLY B 111 -34.63 -26.22 -8.56
C GLY B 111 -35.46 -24.96 -8.29
N GLN B 112 -35.40 -24.41 -7.09
CA GLN B 112 -36.08 -23.13 -6.84
C GLN B 112 -35.52 -22.06 -7.80
N ASP B 113 -36.38 -21.11 -8.15
CA ASP B 113 -36.06 -20.09 -9.16
C ASP B 113 -35.29 -18.95 -8.53
N ILE B 114 -33.98 -19.07 -8.55
CA ILE B 114 -33.11 -18.10 -7.86
C ILE B 114 -32.54 -17.16 -8.86
N GLU B 115 -32.82 -15.89 -8.70
CA GLU B 115 -32.28 -14.89 -9.57
C GLU B 115 -30.75 -14.85 -9.53
N LEU B 116 -30.13 -14.90 -10.70
CA LEU B 116 -28.71 -14.89 -10.81
C LEU B 116 -28.24 -13.46 -10.56
N ALA B 117 -26.96 -13.32 -10.30
CA ALA B 117 -26.40 -12.02 -9.98
C ALA B 117 -26.44 -11.16 -11.22
N GLN B 118 -26.99 -9.95 -11.10
CA GLN B 118 -27.13 -9.02 -12.23
C GLN B 118 -26.04 -7.91 -12.21
N TYR B 119 -25.37 -7.77 -13.35
CA TYR B 119 -24.26 -6.85 -13.46
C TYR B 119 -24.39 -5.83 -14.57
N GLY B 120 -25.57 -5.60 -15.09
CA GLY B 120 -25.68 -4.57 -16.09
C GLY B 120 -25.54 -5.05 -17.54
N THR B 121 -25.41 -4.07 -18.43
CA THR B 121 -25.40 -4.22 -19.87
C THR B 121 -24.05 -4.45 -20.47
N SER B 122 -23.00 -4.10 -19.72
CA SER B 122 -21.66 -4.19 -20.23
C SER B 122 -21.27 -5.61 -20.62
N ASN B 123 -20.24 -5.70 -21.45
CA ASN B 123 -19.80 -6.99 -21.94
C ASN B 123 -19.28 -7.83 -20.80
N THR B 124 -18.48 -7.18 -19.94
CA THR B 124 -17.93 -7.84 -18.75
C THR B 124 -19.06 -8.23 -17.79
N GLY B 125 -20.03 -7.34 -17.63
CA GLY B 125 -21.15 -7.54 -16.75
C GLY B 125 -22.00 -8.71 -17.22
N ARG B 126 -22.27 -8.75 -18.53
CA ARG B 126 -23.09 -9.83 -19.11
C ARG B 126 -22.32 -11.13 -19.07
N PHE B 127 -20.98 -11.05 -19.13
CA PHE B 127 -20.16 -12.25 -19.11
C PHE B 127 -20.24 -12.96 -17.75
N LYS B 128 -20.18 -12.16 -16.69
CA LYS B 128 -20.22 -12.69 -15.31
C LYS B 128 -21.55 -13.38 -15.07
N THR B 129 -22.61 -12.77 -15.55
CA THR B 129 -23.95 -13.34 -15.41
C THR B 129 -24.13 -14.65 -16.22
N LEU B 130 -23.59 -14.67 -17.43
CA LEU B 130 -23.59 -15.87 -18.25
C LEU B 130 -22.86 -17.01 -17.55
N TYR B 131 -21.79 -16.67 -16.84
CA TYR B 131 -20.93 -17.64 -16.18
C TYR B 131 -21.78 -18.30 -15.12
N ARG B 132 -22.60 -17.49 -14.45
CA ARG B 132 -23.44 -18.01 -13.36
C ARG B 132 -24.64 -18.79 -13.93
N GLU B 133 -25.16 -18.32 -15.07
CA GLU B 133 -26.27 -19.03 -15.78
C GLU B 133 -25.75 -20.43 -16.05
N GLY B 134 -24.55 -20.48 -16.59
CA GLY B 134 -23.84 -21.72 -16.76
C GLY B 134 -23.70 -22.53 -15.50
N LEU B 135 -23.33 -21.90 -14.39
CA LEU B 135 -23.18 -22.63 -13.13
C LEU B 135 -24.46 -23.29 -12.72
N LYS B 136 -25.56 -22.56 -12.82
CA LYS B 136 -26.86 -23.10 -12.41
C LYS B 136 -27.15 -24.42 -13.21
N ASN B 137 -27.02 -24.30 -14.52
CA ASN B 137 -27.35 -25.39 -15.44
C ASN B 137 -26.45 -26.59 -15.15
N ARG B 138 -25.26 -26.34 -14.61
CA ARG B 138 -24.28 -27.42 -14.32
C ARG B 138 -24.43 -28.12 -12.98
N TYR B 139 -24.64 -27.34 -11.92
CA TYR B 139 -24.56 -27.80 -10.53
C TYR B 139 -25.88 -27.62 -9.81
N GLY B 140 -26.66 -26.69 -10.34
CA GLY B 140 -27.91 -26.28 -9.73
C GLY B 140 -27.76 -25.00 -8.93
N ALA B 141 -28.80 -24.21 -8.91
CA ALA B 141 -28.84 -22.97 -8.15
C ALA B 141 -28.67 -23.28 -6.70
N LEU B 142 -29.39 -24.29 -6.21
CA LEU B 142 -29.35 -24.59 -4.81
C LEU B 142 -27.94 -24.62 -4.24
N MET B 143 -27.07 -25.43 -4.86
CA MET B 143 -25.70 -25.64 -4.39
C MET B 143 -24.89 -24.37 -4.37
N GLN B 144 -25.16 -23.52 -5.34
CA GLN B 144 -24.45 -22.26 -5.53
C GLN B 144 -24.92 -21.13 -4.59
N THR B 145 -25.91 -21.43 -3.76
CA THR B 145 -26.41 -20.49 -2.75
C THR B 145 -25.82 -20.79 -1.39
N ILE B 146 -25.04 -21.87 -1.33
CA ILE B 146 -24.26 -22.18 -0.13
C ILE B 146 -23.14 -21.11 0.07
N SER B 147 -23.02 -20.62 1.28
CA SER B 147 -22.10 -19.51 1.57
C SER B 147 -20.90 -19.98 2.39
N GLY B 148 -19.80 -19.28 2.25
CA GLY B 148 -18.59 -19.59 3.01
C GLY B 148 -17.73 -18.40 3.27
N VAL B 149 -16.69 -18.61 4.07
CA VAL B 149 -15.70 -17.57 4.34
C VAL B 149 -14.38 -18.00 3.74
N HIS B 150 -13.75 -17.09 3.00
CA HIS B 150 -12.45 -17.37 2.40
C HIS B 150 -11.40 -16.52 3.09
N TYR B 151 -10.37 -17.19 3.59
CA TYR B 151 -9.25 -16.49 4.28
C TYR B 151 -8.03 -16.42 3.36
N ASN B 152 -7.67 -15.22 2.99
CA ASN B 152 -6.59 -14.98 2.02
C ASN B 152 -5.35 -14.54 2.75
N PHE B 153 -4.22 -15.11 2.40
CA PHE B 153 -3.00 -15.01 3.22
C PHE B 153 -1.72 -14.98 2.38
N SER B 154 -0.78 -14.20 2.82
CA SER B 154 0.53 -14.09 2.15
C SER B 154 1.62 -13.83 3.16
N LEU B 155 2.73 -14.54 3.00
CA LEU B 155 3.90 -14.34 3.82
C LEU B 155 4.65 -13.14 3.31
N PRO B 156 5.37 -12.48 4.20
CA PRO B 156 6.19 -11.33 3.85
C PRO B 156 7.36 -11.74 2.96
N MET B 157 7.78 -10.84 2.10
CA MET B 157 9.01 -11.02 1.33
C MET B 157 10.19 -11.42 2.21
N ALA B 158 10.24 -10.85 3.41
CA ALA B 158 11.35 -11.07 4.31
C ALA B 158 11.38 -12.54 4.83
N PHE B 159 10.32 -13.28 4.60
CA PHE B 159 10.28 -14.70 5.00
C PHE B 159 11.18 -15.47 4.01
N TRP B 160 10.93 -15.20 2.74
CA TRP B 160 11.67 -15.80 1.64
C TRP B 160 13.14 -15.37 1.61
N GLN B 161 13.39 -14.10 1.92
CA GLN B 161 14.74 -13.55 2.05
C GLN B 161 15.58 -14.24 3.13
N ALA B 162 15.01 -14.41 4.33
CA ALA B 162 15.75 -15.05 5.44
C ALA B 162 16.09 -16.49 5.14
N LYS B 163 15.27 -17.12 4.31
CA LYS B 163 15.48 -18.48 3.88
C LYS B 163 16.60 -18.64 2.82
N SER B 164 16.64 -17.73 1.84
CA SER B 164 17.52 -17.88 0.67
C SER B 164 18.55 -16.76 0.48
N GLY B 165 18.35 -15.61 1.10
CA GLY B 165 19.21 -14.45 0.86
C GLY B 165 19.32 -14.17 -0.63
N ALA B 170 13.64 -12.47 -11.27
CA ALA B 170 13.18 -13.60 -12.08
C ALA B 170 13.54 -14.88 -11.36
N ASP B 171 14.59 -14.84 -10.56
CA ASP B 171 14.95 -15.99 -9.70
C ASP B 171 14.10 -16.02 -8.41
N ALA B 172 14.15 -14.92 -7.68
CA ALA B 172 13.48 -14.80 -6.39
C ALA B 172 12.05 -15.31 -6.48
N LYS B 173 11.47 -15.24 -7.68
CA LYS B 173 10.04 -15.55 -7.90
C LYS B 173 9.68 -17.04 -7.98
N GLU B 174 10.46 -17.83 -8.68
CA GLU B 174 10.20 -19.26 -8.75
C GLU B 174 10.30 -19.87 -7.34
N LYS B 175 11.12 -19.28 -6.48
CA LYS B 175 11.32 -19.78 -5.13
C LYS B 175 10.09 -19.52 -4.27
N ILE B 176 9.43 -18.39 -4.52
CA ILE B 176 8.23 -18.03 -3.80
C ILE B 176 7.06 -18.93 -4.17
N SER B 177 6.86 -19.18 -5.47
CA SER B 177 5.79 -20.08 -5.92
C SER B 177 5.98 -21.51 -5.46
N ALA B 178 7.22 -21.96 -5.43
CA ALA B 178 7.54 -23.29 -4.93
C ALA B 178 7.24 -23.38 -3.43
N GLY B 179 7.43 -22.24 -2.75
CA GLY B 179 7.16 -22.14 -1.33
C GLY B 179 5.68 -22.32 -1.05
N TYR B 180 4.87 -21.69 -1.88
CA TYR B 180 3.43 -21.73 -1.72
C TYR B 180 2.80 -23.04 -2.15
N PHE B 181 3.37 -23.65 -3.16
CA PHE B 181 2.89 -24.98 -3.56
C PHE B 181 3.10 -25.97 -2.42
N ARG B 182 4.22 -25.84 -1.77
CA ARG B 182 4.53 -26.66 -0.60
C ARG B 182 3.44 -26.46 0.46
N VAL B 183 3.01 -25.22 0.66
CA VAL B 183 1.97 -24.88 1.60
C VAL B 183 0.70 -25.59 1.18
N ILE B 184 0.38 -25.46 -0.09
CA ILE B 184 -0.84 -26.04 -0.62
C ILE B 184 -0.82 -27.59 -0.47
N ARG B 185 0.34 -28.18 -0.68
CA ARG B 185 0.52 -29.66 -0.58
C ARG B 185 0.26 -30.10 0.85
N ASN B 186 0.77 -29.32 1.79
CA ASN B 186 0.61 -29.61 3.21
C ASN B 186 -0.80 -29.31 3.68
N TYR B 187 -1.46 -28.37 2.99
CA TYR B 187 -2.85 -28.04 3.34
C TYR B 187 -3.74 -29.21 2.93
N TYR B 188 -3.52 -29.70 1.72
CA TYR B 188 -4.26 -30.87 1.23
C TYR B 188 -4.13 -32.04 2.19
N ARG B 189 -2.97 -32.16 2.82
CA ARG B 189 -2.70 -33.25 3.74
C ARG B 189 -3.31 -33.10 5.12
N PHE B 190 -3.15 -31.92 5.70
CA PHE B 190 -3.42 -31.73 7.10
C PHE B 190 -4.52 -30.73 7.39
N GLY B 191 -5.14 -30.23 6.34
CA GLY B 191 -6.13 -29.15 6.42
C GLY B 191 -7.47 -29.56 7.02
N TRP B 192 -7.70 -30.88 7.13
CA TRP B 192 -8.94 -31.40 7.75
C TRP B 192 -9.13 -30.84 9.16
N VAL B 193 -8.03 -30.42 9.78
CA VAL B 193 -8.08 -29.74 11.11
C VAL B 193 -9.09 -28.60 11.11
N ILE B 194 -9.21 -27.90 9.99
CA ILE B 194 -10.13 -26.74 9.90
C ILE B 194 -11.57 -27.10 10.04
N PRO B 195 -12.07 -28.03 9.22
CA PRO B 195 -13.46 -28.49 9.34
C PRO B 195 -13.73 -29.03 10.74
N TYR B 196 -12.74 -29.65 11.32
CA TYR B 196 -12.89 -30.24 12.64
C TYR B 196 -13.20 -29.17 13.69
N LEU B 197 -12.38 -28.13 13.73
CA LEU B 197 -12.54 -27.08 14.75
C LEU B 197 -13.69 -26.15 14.45
N PHE B 198 -13.76 -25.72 13.21
CA PHE B 198 -14.63 -24.59 12.81
C PHE B 198 -15.74 -24.99 11.82
N GLY B 199 -15.79 -26.28 11.49
CA GLY B 199 -16.87 -26.78 10.67
C GLY B 199 -18.19 -26.45 11.33
N ALA B 200 -19.16 -25.96 10.53
CA ALA B 200 -20.41 -25.45 11.10
C ALA B 200 -21.63 -25.82 10.28
N SER B 201 -21.60 -27.00 9.67
CA SER B 201 -22.72 -27.47 8.84
C SER B 201 -22.95 -28.99 9.04
N PRO B 202 -23.24 -29.40 10.26
CA PRO B 202 -23.51 -30.83 10.55
C PRO B 202 -24.92 -31.23 10.12
N ALA B 203 -25.72 -30.23 9.82
CA ALA B 203 -27.13 -30.43 9.51
C ALA B 203 -27.47 -29.81 8.16
N ILE B 204 -28.38 -30.44 7.40
CA ILE B 204 -28.84 -29.93 6.11
C ILE B 204 -30.34 -30.14 5.92
N SER B 205 -30.96 -29.29 5.12
CA SER B 205 -32.37 -29.38 4.82
C SER B 205 -32.66 -30.55 3.83
N SER B 206 -33.92 -30.99 3.77
CA SER B 206 -34.35 -32.05 2.82
C SER B 206 -33.99 -31.75 1.35
N SER B 207 -33.82 -30.46 1.03
CA SER B 207 -33.52 -30.09 -0.35
C SER B 207 -32.18 -30.68 -0.86
N PHE B 208 -31.17 -30.80 0.01
CA PHE B 208 -29.85 -31.34 -0.37
C PHE B 208 -29.88 -32.83 -0.41
N LEU B 209 -31.04 -33.35 -0.02
CA LEU B 209 -31.31 -34.75 -0.08
C LEU B 209 -32.30 -35.01 -1.24
N THR B 214 -28.32 -41.48 -0.57
CA THR B 214 -27.16 -41.87 0.25
C THR B 214 -27.51 -42.96 1.20
N SER B 215 -26.49 -43.77 1.47
CA SER B 215 -26.54 -44.87 2.44
C SER B 215 -26.10 -44.36 3.83
N LEU B 216 -25.75 -43.06 3.87
CA LEU B 216 -25.31 -42.37 5.09
C LEU B 216 -26.45 -42.25 6.11
N PRO B 217 -26.15 -42.58 7.36
CA PRO B 217 -27.16 -42.74 8.41
C PRO B 217 -27.74 -41.44 8.95
N PHE B 218 -28.45 -40.74 8.09
CA PHE B 218 -28.99 -39.44 8.47
C PHE B 218 -30.03 -39.56 9.54
N GLU B 219 -30.09 -38.57 10.40
CA GLU B 219 -31.09 -38.48 11.45
C GLU B 219 -31.89 -37.20 11.32
N LYS B 220 -32.84 -36.96 12.23
CA LYS B 220 -33.83 -35.90 12.05
C LYS B 220 -34.11 -35.07 13.29
N THR B 221 -34.11 -33.74 13.17
CA THR B 221 -34.53 -32.86 14.27
C THR B 221 -36.04 -32.61 14.24
N GLU B 222 -36.50 -31.85 15.23
CA GLU B 222 -37.90 -31.51 15.39
C GLU B 222 -38.31 -30.41 14.41
N SER B 223 -37.40 -29.49 14.14
CA SER B 223 -37.71 -28.36 13.24
C SER B 223 -37.65 -28.82 11.77
N GLY B 224 -37.47 -30.14 11.58
CA GLY B 224 -37.41 -30.75 10.26
C GLY B 224 -36.03 -30.99 9.64
N MET B 225 -34.94 -30.71 10.38
CA MET B 225 -33.59 -30.80 9.79
C MET B 225 -33.02 -32.21 9.80
N TYR B 226 -32.27 -32.53 8.75
CA TYR B 226 -31.49 -33.77 8.69
C TYR B 226 -30.02 -33.59 9.12
N TYR B 227 -29.47 -34.55 9.85
CA TYR B 227 -28.05 -34.48 10.25
C TYR B 227 -27.36 -35.79 10.52
N LEU B 228 -26.05 -35.73 10.45
CA LEU B 228 -25.18 -36.84 10.85
C LEU B 228 -24.61 -36.45 12.19
N PRO B 229 -24.62 -37.38 13.17
CA PRO B 229 -24.46 -37.00 14.57
C PRO B 229 -23.07 -36.54 14.92
N TYR B 230 -22.07 -37.02 14.19
CA TYR B 230 -20.67 -36.69 14.48
C TYR B 230 -20.02 -35.83 13.35
N ALA B 231 -20.84 -35.27 12.48
CA ALA B 231 -20.34 -34.50 11.32
C ALA B 231 -19.91 -33.11 11.72
N THR B 232 -19.03 -32.53 10.91
CA THR B 232 -18.56 -31.17 11.12
C THR B 232 -19.00 -30.23 10.01
N SER B 233 -18.65 -30.57 8.77
CA SER B 233 -18.88 -29.65 7.66
C SER B 233 -19.36 -30.32 6.36
N LEU B 234 -20.67 -30.46 6.21
CA LEU B 234 -21.30 -31.08 5.04
C LEU B 234 -21.16 -30.17 3.82
N ARG B 235 -20.94 -28.88 4.04
CA ARG B 235 -20.69 -27.97 2.96
C ARG B 235 -19.53 -28.49 2.12
N LEU B 236 -18.61 -29.18 2.77
CA LEU B 236 -17.45 -29.72 2.10
C LEU B 236 -17.64 -31.21 1.63
N SER B 237 -18.82 -31.74 1.88
CA SER B 237 -19.14 -33.13 1.43
C SER B 237 -19.66 -33.11 0.02
N ASP B 238 -20.05 -34.30 -0.48
CA ASP B 238 -20.58 -34.37 -1.86
C ASP B 238 -21.99 -33.86 -1.94
N LEU B 239 -22.62 -33.70 -0.80
CA LEU B 239 -23.94 -33.09 -0.76
C LEU B 239 -23.91 -31.55 -0.76
N GLY B 240 -22.71 -30.99 -0.53
CA GLY B 240 -22.54 -29.57 -0.36
C GLY B 240 -21.99 -28.90 -1.59
N TYR B 241 -20.95 -28.10 -1.40
CA TYR B 241 -20.31 -27.37 -2.52
C TYR B 241 -19.30 -28.27 -3.18
N THR B 242 -19.79 -29.16 -4.05
CA THR B 242 -19.00 -30.25 -4.63
C THR B 242 -18.12 -29.88 -5.78
N ASN B 243 -16.93 -30.44 -5.77
CA ASN B 243 -16.03 -30.39 -6.92
C ASN B 243 -15.88 -31.80 -7.57
N LYS B 244 -16.97 -32.59 -7.50
CA LYS B 244 -17.00 -34.02 -7.89
C LYS B 244 -16.79 -34.16 -9.37
N SER B 245 -17.55 -33.36 -10.10
CA SER B 245 -17.45 -33.21 -11.55
C SER B 245 -16.08 -32.71 -12.08
N GLN B 246 -15.21 -32.29 -11.16
CA GLN B 246 -13.85 -31.87 -11.53
C GLN B 246 -12.78 -32.89 -11.10
N SER B 247 -13.24 -34.09 -10.78
CA SER B 247 -12.41 -35.18 -10.26
C SER B 247 -11.22 -35.63 -11.15
N ASN B 248 -11.38 -35.58 -12.48
CA ASN B 248 -10.41 -36.16 -13.41
C ASN B 248 -9.32 -35.20 -13.87
N LEU B 249 -9.50 -33.93 -13.60
CA LEU B 249 -8.62 -32.91 -14.19
C LEU B 249 -7.13 -33.19 -14.00
N GLY B 250 -6.74 -34.08 -13.10
CA GLY B 250 -5.33 -34.37 -12.91
C GLY B 250 -4.47 -33.13 -12.63
N ILE B 251 -5.06 -32.14 -11.96
CA ILE B 251 -4.30 -30.92 -11.65
C ILE B 251 -3.37 -31.20 -10.48
N THR B 252 -2.10 -30.82 -10.59
CA THR B 252 -1.13 -31.03 -9.52
C THR B 252 -0.53 -29.72 -8.96
N PHE B 253 0.18 -29.84 -7.84
CA PHE B 253 0.73 -28.68 -7.14
C PHE B 253 2.22 -28.82 -6.87
N ASN B 254 2.99 -29.17 -7.90
CA ASN B 254 4.44 -29.32 -7.73
C ASN B 254 5.24 -28.21 -8.38
N ASP B 255 4.71 -27.68 -9.47
CA ASP B 255 5.44 -26.72 -10.29
C ASP B 255 4.43 -25.69 -10.83
N LEU B 256 4.82 -24.41 -10.77
CA LEU B 256 3.90 -23.35 -11.21
C LEU B 256 3.44 -23.57 -12.65
N TYR B 257 4.39 -23.78 -13.54
CA TYR B 257 4.09 -23.96 -14.96
C TYR B 257 3.26 -25.23 -15.22
N GLU B 258 3.55 -26.32 -14.51
CA GLU B 258 2.76 -27.57 -14.61
C GLU B 258 1.35 -27.29 -14.13
N TYR B 259 1.26 -26.52 -13.06
CA TYR B 259 -0.04 -26.27 -12.44
C TYR B 259 -0.89 -25.44 -13.42
N VAL B 260 -0.31 -24.34 -13.89
CA VAL B 260 -0.97 -23.47 -14.85
C VAL B 260 -1.29 -24.22 -16.14
N ALA B 261 -0.38 -25.07 -16.57
CA ALA B 261 -0.59 -25.86 -17.80
C ALA B 261 -1.86 -26.66 -17.63
N GLY B 262 -2.01 -27.30 -16.49
CA GLY B 262 -3.17 -28.10 -16.16
C GLY B 262 -4.45 -27.32 -15.97
N LEU B 263 -4.31 -26.11 -15.47
CA LEU B 263 -5.47 -25.27 -15.24
C LEU B 263 -6.01 -24.80 -16.59
N LYS B 264 -5.08 -24.37 -17.47
CA LYS B 264 -5.41 -23.95 -18.85
C LYS B 264 -6.01 -25.12 -19.67
N GLN B 265 -5.47 -26.31 -19.50
CA GLN B 265 -5.97 -27.51 -20.19
C GLN B 265 -7.41 -27.87 -19.77
N ALA B 266 -7.75 -27.59 -18.52
CA ALA B 266 -9.09 -27.88 -17.98
C ALA B 266 -10.19 -26.96 -18.55
N ILE B 267 -9.80 -25.73 -18.89
CA ILE B 267 -10.71 -24.77 -19.49
C ILE B 267 -11.12 -25.23 -20.90
N LYS B 268 -10.33 -26.16 -21.44
CA LYS B 268 -10.47 -26.64 -22.81
C LYS B 268 -11.16 -28.01 -22.87
N THR B 269 -10.88 -28.85 -21.89
CA THR B 269 -11.38 -30.23 -21.84
C THR B 269 -12.88 -30.43 -22.06
N PRO B 270 -13.25 -31.12 -23.14
CA PRO B 270 -14.67 -31.43 -23.34
C PRO B 270 -15.24 -32.20 -22.15
N SER B 271 -16.50 -31.97 -21.87
CA SER B 271 -17.24 -32.76 -20.90
C SER B 271 -18.52 -33.23 -21.57
N GLU B 272 -18.59 -34.51 -21.89
CA GLU B 272 -19.78 -34.99 -22.58
C GLU B 272 -21.05 -34.67 -21.79
N GLU B 273 -20.96 -34.55 -20.48
CA GLU B 273 -22.18 -34.33 -19.72
C GLU B 273 -22.72 -32.91 -19.86
N TYR B 274 -21.82 -31.93 -20.03
CA TYR B 274 -22.19 -30.52 -20.20
C TYR B 274 -22.57 -30.15 -21.65
N ALA B 275 -21.99 -30.86 -22.61
CA ALA B 275 -22.47 -30.79 -24.01
C ALA B 275 -24.00 -31.05 -24.10
N LYS B 276 -24.49 -31.98 -23.30
CA LYS B 276 -25.93 -32.29 -23.27
C LYS B 276 -26.77 -31.03 -23.03
N ILE B 277 -26.30 -30.14 -22.17
CA ILE B 277 -27.07 -28.91 -21.87
C ILE B 277 -27.13 -27.97 -23.05
N GLY B 278 -26.02 -27.92 -23.79
CA GLY B 278 -25.82 -27.00 -24.90
C GLY B 278 -25.20 -25.65 -24.49
N ILE B 279 -24.38 -25.12 -25.38
CA ILE B 279 -23.81 -23.79 -25.28
C ILE B 279 -24.88 -22.72 -25.55
N GLU B 280 -25.76 -22.94 -26.52
CA GLU B 280 -26.83 -22.00 -26.86
C GLU B 280 -28.13 -22.78 -27.17
N LYS B 281 -29.27 -22.32 -26.67
CA LYS B 281 -30.55 -22.95 -26.88
C LYS B 281 -31.67 -21.92 -26.92
N ASP B 282 -32.46 -22.00 -27.98
CA ASP B 282 -33.56 -21.09 -28.25
C ASP B 282 -33.15 -19.62 -28.17
N GLY B 283 -32.01 -19.29 -28.73
CA GLY B 283 -31.54 -17.91 -28.74
C GLY B 283 -31.05 -17.39 -27.39
N LYS B 284 -31.00 -18.27 -26.39
CA LYS B 284 -30.46 -17.93 -25.09
C LYS B 284 -29.16 -18.70 -24.83
N ARG B 285 -28.12 -18.02 -24.37
CA ARG B 285 -26.83 -18.66 -24.06
C ARG B 285 -26.98 -19.30 -22.71
N LEU B 286 -26.42 -20.48 -22.52
CA LEU B 286 -26.66 -21.25 -21.30
C LEU B 286 -25.43 -21.43 -20.45
N GLN B 287 -24.31 -21.47 -21.11
CA GLN B 287 -23.03 -21.56 -20.47
C GLN B 287 -22.00 -20.89 -21.40
N ILE B 288 -20.79 -20.73 -20.91
CA ILE B 288 -19.73 -20.09 -21.66
C ILE B 288 -19.14 -21.05 -22.69
N ASN B 289 -19.02 -22.31 -22.28
CA ASN B 289 -18.51 -23.36 -23.13
C ASN B 289 -18.99 -24.71 -22.59
N SER B 290 -18.70 -25.80 -23.30
CA SER B 290 -19.19 -27.12 -22.82
C SER B 290 -18.05 -27.89 -22.11
N ASN B 291 -17.15 -27.12 -21.51
CA ASN B 291 -15.95 -27.67 -20.89
C ASN B 291 -16.07 -27.88 -19.39
N VAL B 292 -15.12 -28.61 -18.82
CA VAL B 292 -15.21 -29.03 -17.41
C VAL B 292 -15.16 -27.80 -16.55
N LEU B 293 -14.31 -26.86 -16.93
CA LEU B 293 -14.32 -25.54 -16.33
C LEU B 293 -14.61 -24.47 -17.39
N GLN B 294 -15.66 -23.69 -17.20
CA GLN B 294 -15.90 -22.53 -18.07
C GLN B 294 -14.69 -21.59 -18.08
N ILE B 295 -14.30 -21.19 -16.89
CA ILE B 295 -13.10 -20.39 -16.68
C ILE B 295 -12.37 -20.85 -15.41
N GLU B 296 -11.21 -20.24 -15.16
CA GLU B 296 -10.40 -20.54 -13.97
C GLU B 296 -11.21 -20.43 -12.66
N ASN B 297 -12.08 -19.44 -12.58
CA ASN B 297 -12.90 -19.20 -11.39
C ASN B 297 -13.67 -20.43 -10.95
N GLU B 298 -13.93 -21.34 -11.89
CA GLU B 298 -14.78 -22.49 -11.57
C GLU B 298 -14.00 -23.59 -10.88
N LEU B 299 -12.71 -23.40 -10.73
CA LEU B 299 -11.91 -24.44 -10.04
C LEU B 299 -12.24 -24.48 -8.53
N TYR B 300 -12.98 -25.50 -8.15
CA TYR B 300 -13.53 -25.60 -6.80
C TYR B 300 -12.65 -26.41 -5.87
N ALA B 301 -11.37 -26.05 -5.83
CA ALA B 301 -10.47 -26.64 -4.86
C ALA B 301 -10.69 -26.00 -3.47
N PRO B 302 -10.20 -26.64 -2.41
CA PRO B 302 -10.26 -26.08 -1.05
C PRO B 302 -9.22 -25.02 -0.75
N ILE B 303 -8.24 -24.89 -1.63
CA ILE B 303 -7.22 -23.88 -1.53
C ILE B 303 -6.66 -23.58 -2.93
N ARG B 304 -6.41 -22.30 -3.25
CA ARG B 304 -5.97 -21.92 -4.58
C ARG B 304 -4.82 -20.92 -4.64
N PRO B 305 -3.85 -21.17 -5.49
CA PRO B 305 -2.76 -20.22 -5.71
C PRO B 305 -3.32 -19.04 -6.48
N LYS B 306 -2.85 -17.85 -6.14
CA LYS B 306 -3.40 -16.65 -6.78
C LYS B 306 -2.44 -15.49 -6.99
N ARG B 307 -2.85 -14.57 -7.88
CA ARG B 307 -2.20 -13.28 -8.03
C ARG B 307 -3.23 -12.28 -8.49
N VAL B 308 -3.27 -11.14 -7.82
CA VAL B 308 -4.14 -10.03 -8.22
C VAL B 308 -3.87 -9.68 -9.70
N THR B 309 -4.90 -9.84 -10.53
CA THR B 309 -4.76 -9.61 -11.96
C THR B 309 -4.74 -8.12 -12.35
N ARG B 310 -4.08 -7.84 -13.47
CA ARG B 310 -4.22 -6.57 -14.16
C ARG B 310 -5.52 -6.63 -14.95
N SER B 311 -5.89 -5.47 -15.48
CA SER B 311 -7.17 -5.32 -16.17
C SER B 311 -7.16 -6.21 -17.43
N GLY B 312 -8.26 -6.91 -17.65
CA GLY B 312 -8.37 -7.76 -18.83
C GLY B 312 -7.60 -9.07 -18.69
N GLU B 313 -6.55 -9.06 -17.87
CA GLU B 313 -5.76 -10.28 -17.62
C GLU B 313 -6.50 -11.39 -16.83
N SER B 314 -6.39 -12.62 -17.30
CA SER B 314 -7.02 -13.75 -16.65
C SER B 314 -6.19 -14.20 -15.45
N PRO B 315 -6.81 -14.93 -14.53
CA PRO B 315 -6.11 -15.39 -13.32
C PRO B 315 -4.89 -16.23 -13.60
N SER B 316 -4.99 -17.10 -14.59
CA SER B 316 -3.92 -18.05 -14.83
C SER B 316 -2.73 -17.31 -15.44
N ASP B 317 -3.00 -16.31 -16.28
CA ASP B 317 -1.94 -15.50 -16.88
C ASP B 317 -1.20 -14.65 -15.86
N ALA B 318 -1.93 -14.19 -14.87
CA ALA B 318 -1.32 -13.45 -13.78
C ALA B 318 -0.29 -14.31 -13.05
N LEU B 319 -0.66 -15.56 -12.76
CA LEU B 319 0.27 -16.49 -12.12
C LEU B 319 1.58 -16.66 -12.95
N LEU B 320 1.46 -16.80 -14.25
CA LEU B 320 2.63 -16.88 -15.14
C LEU B 320 3.46 -15.61 -15.09
N ARG B 321 2.80 -14.46 -15.12
CA ARG B 321 3.50 -13.20 -15.15
C ARG B 321 4.34 -12.96 -13.91
N GLY B 322 3.80 -13.30 -12.73
CA GLY B 322 4.40 -12.85 -11.48
C GLY B 322 4.62 -13.90 -10.40
N GLY B 323 4.25 -15.13 -10.72
CA GLY B 323 4.34 -16.21 -9.74
C GLY B 323 3.19 -16.11 -8.73
N ILE B 324 3.16 -17.03 -7.77
CA ILE B 324 2.13 -17.00 -6.72
C ILE B 324 2.36 -15.81 -5.77
N GLU B 325 1.34 -14.98 -5.63
CA GLU B 325 1.41 -13.79 -4.75
C GLU B 325 0.84 -14.14 -3.35
N TYR B 326 -0.32 -14.77 -3.37
CA TYR B 326 -0.98 -15.18 -2.14
C TYR B 326 -1.81 -16.43 -2.35
N ILE B 327 -2.20 -17.05 -1.26
CA ILE B 327 -3.05 -18.24 -1.35
C ILE B 327 -4.43 -17.99 -0.72
N GLU B 328 -5.40 -18.63 -1.27
CA GLU B 328 -6.79 -18.45 -0.90
C GLU B 328 -7.37 -19.74 -0.29
N VAL B 329 -7.54 -19.71 1.03
CA VAL B 329 -8.08 -20.81 1.79
C VAL B 329 -9.62 -20.72 1.72
N ARG B 330 -10.23 -21.80 1.27
CA ARG B 330 -11.66 -21.81 0.92
C ARG B 330 -12.55 -22.71 1.73
N SER B 331 -11.99 -23.38 2.71
CA SER B 331 -12.69 -24.42 3.40
C SER B 331 -13.41 -23.97 4.67
N LEU B 332 -13.33 -22.68 5.03
CA LEU B 332 -14.05 -22.17 6.19
C LEU B 332 -15.58 -22.06 5.99
N ASP B 333 -16.36 -22.71 6.87
CA ASP B 333 -17.79 -22.50 6.93
C ASP B 333 -18.08 -21.17 7.62
N ILE B 334 -19.25 -20.64 7.38
CA ILE B 334 -19.74 -19.47 8.11
C ILE B 334 -19.76 -19.76 9.61
N ASN B 335 -19.13 -18.87 10.38
CA ASN B 335 -19.14 -18.98 11.84
C ASN B 335 -20.46 -18.42 12.34
N PRO B 336 -21.37 -19.30 12.76
CA PRO B 336 -22.72 -18.89 13.13
C PRO B 336 -22.81 -18.15 14.46
N PHE B 337 -21.73 -18.13 15.22
CA PHE B 337 -21.66 -17.49 16.51
C PHE B 337 -21.02 -16.10 16.44
N SER B 338 -20.79 -15.65 15.21
CA SER B 338 -20.36 -14.30 14.96
C SER B 338 -21.30 -13.65 13.95
N PRO B 339 -21.67 -12.42 14.21
CA PRO B 339 -22.53 -11.67 13.29
C PRO B 339 -21.86 -11.33 11.96
N ILE B 340 -20.51 -11.37 11.90
CA ILE B 340 -19.82 -11.14 10.63
C ILE B 340 -19.30 -12.45 10.04
N GLY B 341 -19.67 -13.55 10.67
CA GLY B 341 -19.49 -14.88 10.07
C GLY B 341 -18.07 -15.42 10.24
N VAL B 342 -17.25 -14.67 10.97
CA VAL B 342 -15.88 -15.06 11.19
C VAL B 342 -15.29 -14.27 12.35
N ASP B 343 -14.35 -14.86 13.09
CA ASP B 343 -13.84 -14.22 14.29
C ASP B 343 -12.32 -14.29 14.42
N GLU B 344 -11.80 -13.53 15.38
CA GLU B 344 -10.35 -13.39 15.56
C GLU B 344 -9.66 -14.70 15.88
N GLN B 345 -10.34 -15.54 16.67
CA GLN B 345 -9.79 -16.84 17.02
C GLN B 345 -9.54 -17.70 15.79
N GLN B 346 -10.44 -17.61 14.81
CA GLN B 346 -10.27 -18.31 13.56
C GLN B 346 -9.10 -17.79 12.73
N VAL B 347 -9.01 -16.46 12.61
CA VAL B 347 -8.00 -15.85 11.76
C VAL B 347 -6.63 -16.17 12.33
N ARG B 348 -6.51 -16.04 13.65
CA ARG B 348 -5.24 -16.30 14.32
C ARG B 348 -4.81 -17.75 14.13
N PHE B 349 -5.76 -18.66 14.25
CA PHE B 349 -5.43 -20.06 14.03
C PHE B 349 -4.89 -20.29 12.66
N LEU B 350 -5.59 -19.74 11.65
CA LEU B 350 -5.17 -19.93 10.25
C LEU B 350 -3.79 -19.38 9.96
N ASP B 351 -3.43 -18.28 10.61
CA ASP B 351 -2.05 -17.73 10.50
C ASP B 351 -1.05 -18.80 10.89
N LEU B 352 -1.27 -19.38 12.06
CA LEU B 352 -0.37 -20.35 12.67
C LEU B 352 -0.27 -21.61 11.79
N PHE B 353 -1.42 -22.07 11.31
CA PHE B 353 -1.49 -23.26 10.46
C PHE B 353 -0.86 -23.05 9.10
N MET B 354 -1.11 -21.88 8.50
CA MET B 354 -0.54 -21.61 7.19
C MET B 354 0.99 -21.44 7.30
N VAL B 355 1.45 -20.82 8.37
CA VAL B 355 2.90 -20.65 8.57
C VAL B 355 3.51 -22.03 8.70
N TRP B 356 2.83 -22.89 9.46
CA TRP B 356 3.32 -24.26 9.68
C TRP B 356 3.33 -25.05 8.38
N CYS B 357 2.29 -24.90 7.58
CA CYS B 357 2.22 -25.54 6.27
C CYS B 357 3.38 -25.14 5.36
N ALA B 358 3.91 -23.93 5.58
CA ALA B 358 5.05 -23.42 4.82
C ALA B 358 6.35 -24.05 5.31
N LEU B 359 6.43 -24.32 6.62
CA LEU B 359 7.62 -24.92 7.23
C LEU B 359 7.73 -26.43 6.95
N ALA B 360 6.64 -27.14 7.12
CA ALA B 360 6.63 -28.59 7.02
C ALA B 360 7.08 -29.11 5.68
N ASP B 361 8.07 -30.00 5.69
CA ASP B 361 8.55 -30.69 4.51
C ASP B 361 7.36 -31.25 3.76
N ALA B 362 7.36 -31.13 2.44
CA ALA B 362 6.27 -31.70 1.64
C ALA B 362 6.71 -32.30 0.33
N PRO B 363 6.84 -33.62 0.30
CA PRO B 363 7.24 -34.30 -0.93
C PRO B 363 6.32 -33.92 -2.05
N GLU B 364 6.86 -33.84 -3.27
CA GLU B 364 6.05 -33.58 -4.43
C GLU B 364 4.99 -34.64 -4.43
N MET B 365 3.84 -34.36 -5.03
CA MET B 365 2.73 -35.31 -4.99
C MET B 365 1.98 -35.37 -6.31
N SER B 366 1.70 -36.62 -6.69
CA SER B 366 1.00 -36.98 -7.91
C SER B 366 -0.44 -36.54 -7.82
N SER B 367 -1.17 -36.62 -8.93
CA SER B 367 -2.61 -36.35 -8.96
C SER B 367 -3.49 -37.32 -8.12
N SER B 368 -3.15 -38.61 -8.11
CA SER B 368 -3.95 -39.56 -7.34
C SER B 368 -3.56 -39.55 -5.85
N GLU B 369 -2.28 -39.32 -5.57
CA GLU B 369 -1.80 -39.08 -4.20
C GLU B 369 -2.55 -37.87 -3.54
N LEU B 370 -2.89 -36.88 -4.36
CA LEU B 370 -3.67 -35.73 -3.90
C LEU B 370 -5.09 -36.19 -3.69
N ALA B 371 -5.59 -36.97 -4.63
CA ALA B 371 -6.92 -37.56 -4.52
C ALA B 371 -7.04 -38.42 -3.25
N CYS B 372 -5.93 -38.97 -2.75
CA CYS B 372 -6.00 -39.83 -1.57
C CYS B 372 -6.09 -39.01 -0.26
N THR B 373 -5.52 -37.77 -0.22
CA THR B 373 -5.56 -36.94 1.00
C THR B 373 -6.99 -36.76 1.46
N ARG B 374 -7.92 -36.92 0.54
CA ARG B 374 -9.34 -36.71 0.80
C ARG B 374 -10.00 -37.74 1.76
N VAL B 375 -9.37 -38.89 1.98
CA VAL B 375 -10.01 -39.89 2.82
C VAL B 375 -10.11 -39.32 4.26
N ASN B 376 -8.99 -38.82 4.74
CA ASN B 376 -8.94 -38.18 6.05
C ASN B 376 -9.96 -37.03 6.16
N TRP B 377 -9.99 -36.13 5.16
CA TRP B 377 -11.00 -35.07 5.12
C TRP B 377 -12.43 -35.63 5.27
N ASN B 378 -12.80 -36.59 4.42
CA ASN B 378 -14.14 -37.20 4.43
C ASN B 378 -14.50 -37.80 5.80
N ARG B 379 -13.53 -38.45 6.45
CA ARG B 379 -13.72 -38.97 7.80
C ARG B 379 -14.09 -37.82 8.76
N VAL B 380 -13.41 -36.69 8.62
CA VAL B 380 -13.59 -35.58 9.56
C VAL B 380 -14.89 -34.89 9.23
N ILE B 381 -15.10 -34.72 7.95
CA ILE B 381 -16.30 -34.06 7.44
C ILE B 381 -17.56 -34.78 7.87
N LEU B 382 -17.57 -36.09 7.66
CA LEU B 382 -18.77 -36.88 7.84
C LEU B 382 -18.91 -37.39 9.27
N GLU B 383 -17.80 -37.62 9.96
CA GLU B 383 -17.84 -38.23 11.29
C GLU B 383 -16.67 -37.84 12.20
N GLY B 384 -16.15 -36.63 12.00
CA GLY B 384 -14.97 -36.16 12.74
C GLY B 384 -15.07 -36.08 14.25
N ARG B 385 -16.28 -35.93 14.77
CA ARG B 385 -16.48 -35.90 16.19
C ARG B 385 -16.83 -37.28 16.82
N LYS B 386 -16.64 -38.35 16.05
CA LYS B 386 -16.95 -39.72 16.57
C LYS B 386 -15.88 -40.16 17.58
N PRO B 387 -16.30 -40.54 18.78
CA PRO B 387 -15.38 -41.08 19.79
C PRO B 387 -14.49 -42.19 19.24
N GLY B 388 -13.19 -42.12 19.49
CA GLY B 388 -12.22 -43.08 18.99
C GLY B 388 -11.98 -43.13 17.49
N LEU B 389 -12.34 -42.07 16.79
CA LEU B 389 -12.07 -41.98 15.37
C LEU B 389 -10.57 -41.99 15.08
N THR B 390 -10.18 -42.73 14.06
CA THR B 390 -8.79 -42.79 13.66
C THR B 390 -8.60 -42.20 12.27
N LEU B 391 -7.40 -41.72 12.02
CA LEU B 391 -7.02 -41.21 10.71
C LEU B 391 -5.79 -41.95 10.21
N GLY B 392 -5.56 -41.90 8.91
CA GLY B 392 -4.42 -42.59 8.33
C GLY B 392 -3.50 -41.73 7.48
N ILE B 393 -2.48 -42.38 6.93
CA ILE B 393 -1.57 -41.73 6.03
C ILE B 393 -2.12 -42.04 4.65
N GLY B 394 -2.51 -41.01 3.93
CA GLY B 394 -3.10 -41.16 2.61
C GLY B 394 -4.35 -42.03 2.56
N CYS B 395 -4.35 -43.01 1.66
CA CYS B 395 -5.51 -43.88 1.45
C CYS B 395 -5.48 -45.08 2.36
N GLU B 396 -4.30 -45.35 2.93
CA GLU B 396 -4.06 -46.51 3.77
C GLU B 396 -5.15 -46.74 4.80
N THR B 397 -4.98 -47.81 5.56
CA THR B 397 -5.91 -48.19 6.62
C THR B 397 -5.64 -47.32 7.85
N ALA B 398 -6.72 -46.85 8.48
CA ALA B 398 -6.62 -45.83 9.55
C ALA B 398 -6.09 -46.45 10.83
N GLN B 399 -5.06 -45.84 11.39
CA GLN B 399 -4.46 -46.39 12.57
C GLN B 399 -4.13 -45.33 13.59
N PHE B 400 -4.18 -44.06 13.16
CA PHE B 400 -3.79 -42.93 14.03
C PHE B 400 -4.98 -42.24 14.75
N PRO B 401 -5.02 -42.30 16.09
CA PRO B 401 -6.10 -41.66 16.88
C PRO B 401 -6.12 -40.12 16.74
N LEU B 402 -7.29 -39.56 16.45
CA LEU B 402 -7.42 -38.14 16.13
C LEU B 402 -6.85 -37.21 17.21
N PRO B 403 -7.25 -37.42 18.47
CA PRO B 403 -6.82 -36.50 19.53
C PRO B 403 -5.30 -36.39 19.69
N GLN B 404 -4.59 -37.49 19.50
CA GLN B 404 -3.14 -37.51 19.63
C GLN B 404 -2.52 -36.77 18.45
N VAL B 405 -3.07 -37.00 17.26
CA VAL B 405 -2.63 -36.33 16.04
C VAL B 405 -2.80 -34.81 16.21
N GLY B 406 -4.02 -34.41 16.57
CA GLY B 406 -4.37 -33.04 16.83
C GLY B 406 -3.43 -32.34 17.76
N LYS B 407 -3.18 -32.98 18.90
CA LYS B 407 -2.25 -32.44 19.93
C LYS B 407 -0.80 -32.31 19.44
N ASP B 408 -0.44 -33.23 18.57
CA ASP B 408 0.87 -33.27 18.00
C ASP B 408 1.07 -32.00 17.16
N LEU B 409 0.22 -31.86 16.14
CA LEU B 409 0.21 -30.65 15.32
C LEU B 409 0.27 -29.39 16.17
N PHE B 410 -0.52 -29.36 17.23
CA PHE B 410 -0.66 -28.14 18.04
C PHE B 410 0.58 -27.78 18.90
N ARG B 411 1.40 -28.77 19.21
CA ARG B 411 2.64 -28.50 19.94
C ARG B 411 3.60 -27.67 19.04
N ASP B 412 3.57 -27.93 17.75
CA ASP B 412 4.29 -27.11 16.77
C ASP B 412 3.63 -25.75 16.66
N LEU B 413 2.33 -25.75 16.34
CA LEU B 413 1.58 -24.52 16.21
C LEU B 413 1.86 -23.55 17.37
N LYS B 414 1.97 -24.09 18.58
CA LYS B 414 2.23 -23.26 19.78
C LYS B 414 3.60 -22.62 19.70
N ARG B 415 4.54 -23.32 19.08
CA ARG B 415 5.91 -22.73 18.88
C ARG B 415 5.89 -21.61 17.85
N VAL B 416 5.12 -21.80 16.78
CA VAL B 416 4.89 -20.75 15.80
C VAL B 416 4.26 -19.56 16.48
N ALA B 417 3.36 -19.85 17.41
CA ALA B 417 2.63 -18.84 18.16
C ALA B 417 3.52 -18.05 19.08
N GLN B 418 4.41 -18.74 19.78
CA GLN B 418 5.43 -18.07 20.64
C GLN B 418 6.23 -17.05 19.85
N THR B 419 6.63 -17.46 18.67
CA THR B 419 7.48 -16.62 17.78
C THR B 419 6.67 -15.40 17.35
N LEU B 420 5.40 -15.66 16.95
CA LEU B 420 4.55 -14.61 16.44
C LEU B 420 4.22 -13.61 17.54
N ASP B 421 4.00 -14.11 18.74
CA ASP B 421 3.69 -13.28 19.88
C ASP B 421 4.92 -12.39 20.33
N SER B 422 6.12 -12.91 20.19
CA SER B 422 7.31 -12.14 20.61
C SER B 422 7.53 -10.94 19.69
N ILE B 423 7.18 -11.07 18.40
CA ILE B 423 7.22 -9.92 17.49
C ILE B 423 6.19 -8.82 17.82
N ASN B 424 4.91 -9.20 17.95
CA ASN B 424 3.85 -8.18 17.98
C ASN B 424 3.59 -7.75 19.39
N GLY B 425 4.17 -8.47 20.33
CA GLY B 425 3.90 -8.27 21.74
C GLY B 425 2.65 -9.05 22.19
N GLY B 426 2.57 -9.38 23.47
CA GLY B 426 1.40 -10.01 24.04
C GLY B 426 1.40 -11.55 23.96
N GLU B 427 0.22 -12.15 24.19
CA GLU B 427 0.12 -13.62 24.26
C GLU B 427 -1.08 -14.14 23.42
N ALA B 428 -1.66 -13.26 22.62
CA ALA B 428 -2.87 -13.56 21.87
C ALA B 428 -2.84 -14.89 21.10
N TYR B 429 -1.76 -15.13 20.36
CA TYR B 429 -1.64 -16.34 19.54
C TYR B 429 -1.57 -17.59 20.39
N GLN B 430 -0.84 -17.53 21.48
CA GLN B 430 -0.70 -18.67 22.39
C GLN B 430 -2.02 -19.00 23.08
N LYS B 431 -2.76 -17.97 23.42
CA LYS B 431 -4.03 -18.12 24.07
C LYS B 431 -5.02 -18.87 23.13
N VAL B 432 -4.89 -18.63 21.84
CA VAL B 432 -5.72 -19.28 20.86
C VAL B 432 -5.39 -20.76 20.72
N CYS B 433 -4.09 -21.09 20.78
CA CYS B 433 -3.66 -22.51 20.76
C CYS B 433 -4.23 -23.29 21.95
N ASP B 434 -4.21 -22.66 23.12
CA ASP B 434 -4.68 -23.33 24.34
C ASP B 434 -6.20 -23.54 24.30
N GLU B 435 -6.92 -22.56 23.75
CA GLU B 435 -8.38 -22.69 23.63
C GLU B 435 -8.75 -23.79 22.67
N LEU B 436 -8.13 -23.79 21.50
CA LEU B 436 -8.54 -24.72 20.44
C LEU B 436 -8.10 -26.14 20.68
N VAL B 437 -6.91 -26.31 21.28
CA VAL B 437 -6.33 -27.62 21.45
C VAL B 437 -7.23 -28.48 22.37
N ALA B 438 -8.01 -27.80 23.18
CA ALA B 438 -8.94 -28.45 24.11
C ALA B 438 -10.05 -29.16 23.36
N CYS B 439 -10.28 -28.74 22.11
CA CYS B 439 -11.31 -29.33 21.26
C CYS B 439 -11.07 -30.78 20.91
N PHE B 440 -9.83 -31.23 21.08
CA PHE B 440 -9.47 -32.59 20.66
C PHE B 440 -9.87 -33.61 21.72
N ASP B 441 -9.87 -33.17 23.00
CA ASP B 441 -10.37 -34.05 24.08
C ASP B 441 -11.87 -33.84 24.26
N ASN B 442 -12.33 -32.64 23.94
CA ASN B 442 -13.73 -32.27 24.07
C ASN B 442 -14.30 -31.75 22.75
N PRO B 443 -14.71 -32.66 21.87
CA PRO B 443 -15.36 -32.31 20.59
C PRO B 443 -16.58 -31.42 20.73
N ASP B 444 -17.23 -31.46 21.88
CA ASP B 444 -18.42 -30.65 22.12
C ASP B 444 -18.10 -29.14 22.10
N LEU B 445 -16.81 -28.81 22.17
CA LEU B 445 -16.36 -27.40 22.13
C LEU B 445 -16.32 -26.84 20.71
N THR B 446 -16.27 -27.74 19.73
CA THR B 446 -16.22 -27.31 18.34
C THR B 446 -17.47 -26.63 17.85
N PHE B 447 -17.32 -25.92 16.72
CA PHE B 447 -18.44 -25.19 16.13
C PHE B 447 -19.61 -26.17 15.74
N SER B 448 -19.27 -27.33 15.21
CA SER B 448 -20.29 -28.27 14.68
C SER B 448 -21.14 -28.87 15.79
N ALA B 449 -20.50 -29.18 16.91
CA ALA B 449 -21.21 -29.73 18.04
C ALA B 449 -22.10 -28.66 18.62
N ARG B 450 -21.55 -27.45 18.72
CA ARG B 450 -22.29 -26.31 19.26
C ARG B 450 -23.51 -25.94 18.44
N ILE B 451 -23.37 -25.90 17.12
CA ILE B 451 -24.48 -25.58 16.26
C ILE B 451 -25.51 -26.71 16.17
N LEU B 452 -25.04 -27.95 16.13
CA LEU B 452 -25.91 -29.12 16.13
C LEU B 452 -26.76 -29.19 17.40
N ARG B 453 -26.20 -28.77 18.52
CA ARG B 453 -26.90 -28.69 19.79
C ARG B 453 -28.02 -27.66 19.74
N SER B 454 -27.69 -26.46 19.26
CA SER B 454 -28.67 -25.40 19.13
C SER B 454 -29.82 -25.81 18.20
N MET B 455 -29.50 -26.56 17.15
CA MET B 455 -30.48 -26.91 16.13
C MET B 455 -31.47 -27.98 16.66
N ILE B 456 -30.98 -28.79 17.60
CA ILE B 456 -31.81 -29.84 18.22
C ILE B 456 -32.76 -29.27 19.26
N ASP B 457 -32.31 -28.25 19.99
CA ASP B 457 -33.03 -27.67 21.14
C ASP B 457 -34.17 -26.72 20.83
N THR B 458 -34.04 -25.97 19.74
CA THR B 458 -35.07 -25.02 19.33
C THR B 458 -36.40 -25.72 19.01
N THR B 463 -33.51 -21.83 14.11
CA THR B 463 -32.18 -21.41 14.62
C THR B 463 -31.57 -20.28 13.77
N GLY B 464 -31.50 -20.53 12.46
CA GLY B 464 -31.03 -19.55 11.49
C GLY B 464 -31.82 -18.25 11.52
N LYS B 465 -33.17 -18.35 11.48
CA LYS B 465 -34.03 -17.15 11.46
C LYS B 465 -33.80 -16.33 12.72
N ALA B 466 -33.66 -17.03 13.85
CA ALA B 466 -33.49 -16.39 15.16
C ALA B 466 -32.06 -15.72 15.33
N PHE B 467 -31.03 -16.40 14.83
CA PHE B 467 -29.66 -15.86 14.92
C PHE B 467 -29.59 -14.61 14.00
N ALA B 468 -30.22 -14.74 12.83
CA ALA B 468 -30.25 -13.69 11.82
C ALA B 468 -30.92 -12.45 12.35
N GLU B 469 -31.97 -12.65 13.13
CA GLU B 469 -32.78 -11.56 13.64
C GLU B 469 -32.01 -10.89 14.77
N ALA B 470 -31.43 -11.70 15.67
CA ALA B 470 -30.56 -11.17 16.74
C ALA B 470 -29.36 -10.38 16.21
N TYR B 471 -28.71 -10.93 15.18
CA TYR B 471 -27.54 -10.26 14.61
C TYR B 471 -27.94 -8.99 13.85
N ARG B 472 -29.09 -9.01 13.19
CA ARG B 472 -29.59 -7.82 12.52
C ARG B 472 -29.74 -6.69 13.52
N ASN B 473 -30.33 -7.03 14.67
CA ASN B 473 -30.65 -6.03 15.71
C ASN B 473 -29.39 -5.49 16.39
N LEU B 474 -28.41 -6.38 16.58
CA LEU B 474 -27.15 -6.04 17.21
C LEU B 474 -26.34 -5.07 16.31
N LEU B 475 -26.20 -5.43 15.04
CA LEU B 475 -25.44 -4.61 14.11
C LEU B 475 -26.09 -3.26 13.82
N ARG B 476 -27.41 -3.24 13.71
CA ARG B 476 -28.13 -2.00 13.40
C ARG B 476 -27.84 -0.88 14.41
N GLU B 477 -27.49 -1.25 15.64
CA GLU B 477 -27.27 -0.27 16.71
C GLU B 477 -25.81 0.19 16.84
N GLU B 478 -24.89 -0.44 16.11
CA GLU B 478 -23.48 -0.20 16.37
C GLU B 478 -22.97 0.89 15.45
N PRO B 479 -22.30 1.90 16.01
CA PRO B 479 -21.69 2.92 15.18
C PRO B 479 -20.62 2.33 14.31
N LEU B 480 -20.35 2.93 13.16
CA LEU B 480 -19.16 2.61 12.41
C LEU B 480 -17.91 3.04 13.19
N GLU B 481 -16.83 2.28 13.07
CA GLU B 481 -15.58 2.56 13.78
C GLU B 481 -14.43 3.02 12.88
N ILE B 482 -14.38 2.49 11.66
CA ILE B 482 -13.30 2.84 10.74
C ILE B 482 -13.77 3.75 9.64
N LEU B 483 -14.79 3.29 8.88
CA LEU B 483 -15.39 4.09 7.79
C LEU B 483 -16.44 5.10 8.29
N ARG B 484 -16.56 6.22 7.57
CA ARG B 484 -17.67 7.12 7.77
C ARG B 484 -18.84 6.68 6.86
N GLU B 485 -20.06 7.02 7.26
CA GLU B 485 -21.23 6.72 6.39
C GLU B 485 -21.01 7.39 5.04
N GLU B 486 -20.46 8.57 5.04
CA GLU B 486 -20.12 9.29 3.80
C GLU B 486 -19.22 8.50 2.85
N ASP B 487 -18.34 7.68 3.40
CA ASP B 487 -17.48 6.84 2.57
C ASP B 487 -18.30 5.80 1.80
N PHE B 488 -19.29 5.21 2.47
CA PHE B 488 -20.25 4.33 1.82
C PHE B 488 -21.03 5.02 0.70
N VAL B 489 -21.52 6.23 0.95
CA VAL B 489 -22.30 6.96 -0.03
C VAL B 489 -21.40 7.33 -1.19
N ALA B 490 -20.17 7.75 -0.88
CA ALA B 490 -19.19 8.12 -1.90
C ALA B 490 -18.95 6.90 -2.81
N GLU B 491 -18.81 5.73 -2.21
CA GLU B 491 -18.47 4.56 -2.99
C GLU B 491 -19.71 4.01 -3.77
N ARG B 492 -20.90 4.16 -3.22
CA ARG B 492 -22.15 3.87 -3.98
C ARG B 492 -22.07 4.65 -5.31
N GLU B 493 -21.87 5.94 -5.21
CA GLU B 493 -21.81 6.83 -6.37
C GLU B 493 -20.69 6.46 -7.32
N ALA B 494 -19.49 6.25 -6.78
CA ALA B 494 -18.34 5.94 -7.65
C ALA B 494 -18.50 4.60 -8.37
N SER B 495 -19.06 3.59 -7.68
CA SER B 495 -19.21 2.29 -8.30
C SER B 495 -20.27 2.41 -9.42
N GLU B 496 -21.36 3.10 -9.16
CA GLU B 496 -22.44 3.30 -10.16
C GLU B 496 -21.86 4.06 -11.37
N ARG B 497 -20.99 5.05 -11.11
CA ARG B 497 -20.29 5.76 -12.18
C ARG B 497 -19.40 4.82 -13.00
N ARG B 498 -18.60 4.04 -12.32
CA ARG B 498 -17.63 3.14 -12.96
C ARG B 498 -18.37 2.15 -13.85
N GLN B 499 -19.56 1.75 -13.42
CA GLN B 499 -20.33 0.79 -14.18
C GLN B 499 -20.84 1.45 -15.47
N GLN B 500 -21.36 2.67 -15.35
CA GLN B 500 -21.82 3.41 -16.53
C GLN B 500 -20.68 3.53 -17.52
N GLU B 501 -19.46 3.71 -17.02
CA GLU B 501 -18.26 3.94 -17.83
C GLU B 501 -17.90 2.71 -18.67
N MET B 502 -18.01 1.53 -18.07
CA MET B 502 -17.68 0.31 -18.79
C MET B 502 -18.75 0.08 -19.86
N GLU B 503 -19.98 0.48 -19.55
CA GLU B 503 -21.10 0.36 -20.46
C GLU B 503 -20.92 1.25 -21.69
N ALA B 504 -20.29 2.40 -21.50
CA ALA B 504 -20.06 3.33 -22.60
C ALA B 504 -18.80 2.97 -23.39
N ALA B 505 -17.82 2.37 -22.73
CA ALA B 505 -16.54 2.11 -23.39
C ALA B 505 -16.56 0.84 -24.23
N ASP B 506 -17.68 0.14 -24.19
CA ASP B 506 -17.85 -1.08 -24.97
C ASP B 506 -17.99 -0.68 -26.43
N THR B 507 -17.13 -1.21 -27.29
CA THR B 507 -17.19 -0.89 -28.73
C THR B 507 -17.93 -1.97 -29.50
N GLU B 508 -17.48 -3.20 -29.31
CA GLU B 508 -18.03 -4.35 -30.03
C GLU B 508 -19.32 -4.85 -29.36
N PRO B 509 -20.13 -5.58 -30.09
CA PRO B 509 -21.29 -6.23 -29.47
C PRO B 509 -20.91 -7.47 -28.65
N PHE B 510 -21.78 -7.79 -27.71
CA PHE B 510 -21.57 -8.93 -26.82
C PHE B 510 -21.08 -10.19 -27.57
N ALA B 511 -21.77 -10.56 -28.66
CA ALA B 511 -21.48 -11.83 -29.35
C ALA B 511 -20.01 -11.99 -29.81
N VAL B 512 -19.40 -10.92 -30.30
CA VAL B 512 -18.01 -10.98 -30.83
C VAL B 512 -16.95 -10.94 -29.74
N TRP B 513 -17.32 -10.37 -28.61
CA TRP B 513 -16.48 -10.37 -27.42
C TRP B 513 -16.07 -11.79 -27.01
N LEU B 514 -17.06 -12.67 -26.87
CA LEU B 514 -16.79 -14.03 -26.37
C LEU B 514 -15.70 -14.73 -27.18
N GLU B 515 -15.89 -14.76 -28.49
CA GLU B 515 -14.87 -15.25 -29.40
C GLU B 515 -13.66 -14.33 -29.29
MG MG C . 19.30 23.50 -3.23
MG MG D . 14.65 23.57 -4.03
MG MG E . 17.46 24.61 -6.18
MG MG F . -11.43 9.06 5.10
OP3 P2S G . 16.01 24.85 -2.99
P P2S G . 17.50 25.30 -2.85
OP1 P2S G . 18.21 25.05 -4.21
OP2 P2S G . 17.58 26.92 -2.45
NS P2S G . 18.24 24.31 -1.76
S P2S G . 18.60 24.96 -0.31
OS P2S G . 17.30 25.62 0.31
CD P2S G . 19.85 26.23 -0.46
CE P2S G . 20.23 26.95 0.71
C2 P2S G . 19.80 28.31 0.75
O2T P2S G . 19.32 28.89 -0.30
O2 P2S G . 19.82 28.95 1.86
CF P2S G . 21.65 26.97 0.89
CH P2S G . 22.19 27.75 -0.12
CG P2S G . 19.18 23.64 0.59
CB P2S G . 18.29 22.52 0.76
CA P2S G . 18.86 21.62 1.71
N P2S G . 20.07 21.14 1.34
C1 P2S G . 17.99 20.49 1.90
O1 P2S G . 16.73 20.60 1.73
O1T P2S G . 18.49 19.37 2.28
PB ADP H . 14.98 26.46 -6.07
O1B ADP H . 16.38 26.45 -5.79
O2B ADP H . 14.34 27.71 -5.47
O3B ADP H . 14.33 25.15 -5.38
PA ADP H . 15.51 25.61 -8.74
O1A ADP H . 15.94 26.51 -9.86
O2A ADP H . 16.67 24.86 -8.16
O3A ADP H . 14.74 26.52 -7.64
O5' ADP H . 14.44 24.55 -9.26
C5' ADP H . 13.25 24.95 -9.88
C4' ADP H . 12.38 23.76 -10.15
O4' ADP H . 11.01 23.99 -10.22
C3' ADP H . 12.74 23.24 -11.52
O3' ADP H . 13.21 21.91 -11.30
C2' ADP H . 11.56 23.38 -12.42
O2' ADP H . 11.54 22.32 -13.33
C1' ADP H . 10.47 23.47 -11.42
N9 ADP H . 9.33 24.24 -11.94
C8 ADP H . 9.42 25.49 -12.51
N7 ADP H . 8.18 25.87 -12.86
C5 ADP H . 7.32 24.84 -12.55
C6 ADP H . 5.97 24.72 -12.68
N6 ADP H . 5.26 25.59 -13.41
N1 ADP H . 5.37 23.57 -12.23
C2 ADP H . 6.10 22.58 -11.67
N3 ADP H . 7.44 22.70 -11.52
C4 ADP H . 8.05 23.83 -11.97
O1 P6G I . 14.62 21.16 3.52
C2 P6G I . 15.19 20.80 4.79
C3 P6G I . 14.22 20.23 5.76
O4 P6G I . 13.00 21.00 5.79
C5 P6G I . 13.09 22.06 6.72
C6 P6G I . 12.13 21.91 7.90
O7 P6G I . 11.35 20.74 7.91
C8 P6G I . 11.31 20.16 9.26
C9 P6G I . 9.96 19.59 9.66
O10 P6G I . 8.95 20.60 9.66
C11 P6G I . 7.63 20.14 9.64
C12 P6G I . 6.94 20.78 10.82
O13 P6G I . 6.19 21.90 10.46
C14 P6G I . 6.32 22.83 11.51
C15 P6G I . 5.93 24.23 11.08
O16 P6G I . 6.65 25.15 11.86
C17 P6G I . 6.28 26.54 11.64
C18 P6G I . 6.28 27.06 10.19
O19 P6G I . 6.23 28.52 10.12
MG MG J . -17.40 -15.74 -3.45
MG MG K . -12.74 -16.41 -2.48
MG MG L . -14.68 -13.29 -3.85
MG MG M . 5.29 -33.67 16.32
OP3 P2S N . -14.05 -16.81 -4.13
P P2S N . -15.35 -16.46 -4.92
OP1 P2S N . -15.77 -14.98 -4.67
OP2 P2S N . -15.06 -16.70 -6.48
NS P2S N . -16.60 -17.38 -4.25
S P2S N . -17.09 -18.59 -5.20
OS P2S N . -15.89 -19.49 -5.52
CD P2S N . -17.82 -18.05 -6.71
CE P2S N . -18.34 -19.10 -7.60
C2 P2S N . -17.58 -19.23 -8.78
O2T P2S N . -16.64 -18.40 -9.05
O2 P2S N . -17.82 -20.16 -9.65
CF P2S N . -19.69 -18.86 -7.96
CH P2S N . -19.75 -17.81 -8.92
CG P2S N . -18.28 -19.33 -4.19
CB P2S N . -17.78 -19.84 -2.96
CA P2S N . -18.74 -20.73 -2.35
N P2S N . -19.94 -20.14 -2.15
C1 P2S N . -18.29 -21.19 -1.08
O1 P2S N . -17.03 -21.40 -0.84
O1T P2S N . -19.11 -21.42 -0.13
PB ADP O . -11.92 -14.14 -5.07
O1B ADP O . -13.34 -13.84 -5.45
O2B ADP O . -11.21 -14.72 -6.27
O3B ADP O . -11.95 -15.21 -3.90
PA ADP O . -11.82 -11.52 -3.95
O1A ADP O . -11.64 -10.32 -4.79
O2A ADP O . -13.26 -11.69 -3.60
O3A ADP O . -11.19 -12.78 -4.68
O5' ADP O . -10.96 -11.40 -2.57
C5' ADP O . -9.57 -11.24 -2.63
C4' ADP O . -8.93 -11.25 -1.26
O4' ADP O . -7.57 -11.54 -1.15
C3' ADP O . -9.08 -9.85 -0.73
O3' ADP O . -10.00 -9.97 0.35
C2' ADP O . -7.72 -9.28 -0.42
O2' ADP O . -7.72 -8.60 0.84
C1' ADP O . -6.87 -10.55 -0.42
N9 ADP O . -5.52 -10.31 -0.92
C8 ADP O . -5.15 -9.61 -2.06
N7 ADP O . -3.79 -9.60 -2.09
C5 ADP O . -3.31 -10.25 -1.00
C6 ADP O . -2.04 -10.54 -0.58
N6 ADP O . -0.99 -10.12 -1.25
N1 ADP O . -1.87 -11.24 0.58
C2 ADP O . -2.95 -11.67 1.30
N3 ADP O . -4.19 -11.38 0.91
C4 ADP O . -4.37 -10.66 -0.25
O1 P6G P . -15.92 -23.55 -1.51
C2 P6G P . -15.86 -24.56 -0.53
C3 P6G P . -14.56 -25.32 -0.78
O4 P6G P . -14.91 -26.72 -0.97
C5 P6G P . -14.30 -27.26 -2.13
C6 P6G P . -14.27 -28.76 -2.00
O7 P6G P . -13.34 -29.17 -1.00
C8 P6G P . -13.99 -30.18 -0.21
C9 P6G P . -13.03 -31.16 0.43
O10 P6G P . -11.75 -31.07 -0.13
C11 P6G P . -10.73 -31.71 0.65
C12 P6G P . -10.20 -32.88 -0.13
O13 P6G P . -9.19 -32.66 -1.10
C14 P6G P . -9.33 -33.60 -2.18
C15 P6G P . -8.43 -33.35 -3.38
O16 P6G P . -9.08 -33.37 -4.68
C17 P6G P . -8.25 -32.75 -5.73
C18 P6G P . -8.96 -31.62 -6.51
O19 P6G P . -8.02 -30.79 -7.19
#